data_7EQX
#
_entry.id   7EQX
#
_cell.length_a   139.797
_cell.length_b   74.436
_cell.length_c   83.108
_cell.angle_alpha   90.00
_cell.angle_beta   119.08
_cell.angle_gamma   90.00
#
_symmetry.space_group_name_H-M   'C 1 2 1'
#
loop_
_entity.id
_entity.type
_entity.pdbx_description
1 polymer 'Carboxypeptidase B'
2 polymer 'Carboxypeptidase B'
3 non-polymer 'ZINC ION'
4 water water
#
loop_
_entity_poly.entity_id
_entity_poly.type
_entity_poly.pdbx_seq_one_letter_code
_entity_poly.pdbx_strand_id
1 'polypeptide(L)'
;GPMRRSYEGYKVYGIVPESPDEAEILYQIRQSNPDLDFWHLTKQPGDEARVLVAPKDQRSFLIKLIRHGLHYQEVISDVE
GTLAPYNEPRTRGMSLDR
;
A,B
2 'polypeptide(L)'
;DVSTSYLRHNEINEYLQTLSQKYPSLVSVEEAGTSYEGRSIKTITINKKPGNAVVFLDAGIHAREWIAPATALYAIEQLV
EHSSENQEVLSNLTWVIMPVVNPDGYEFSHETDRFWRKTRKPTGKSCKGTDGNRNFDYHWGEVGASTQACADTFRGETAF
SEPETRAVRDAVMKLKGSCKFYLSLHSYGNYILYPWGWTSKLPETWEAIDEVAQAGAEAIKQSTGSRYTVGSSTNVLYAA
AGGSDDWAFAVAEVPISITMELPGGGNGGFNPPPSSIEKIVNESWVGIKAMALKVAQMF
;
C,D
#
# COMPACT_ATOMS: atom_id res chain seq x y z
N PRO A 2 14.25 -6.74 14.96
CA PRO A 2 14.50 -8.19 14.97
C PRO A 2 14.27 -8.80 13.58
N MET A 3 13.25 -8.30 12.89
CA MET A 3 12.92 -8.75 11.55
C MET A 3 12.93 -7.54 10.62
N ARG A 4 13.41 -7.76 9.40
CA ARG A 4 13.53 -6.69 8.42
C ARG A 4 12.95 -7.18 7.10
N ARG A 5 12.68 -6.24 6.20
CA ARG A 5 12.10 -6.59 4.91
C ARG A 5 13.05 -7.48 4.14
N SER A 6 12.50 -8.53 3.53
CA SER A 6 13.26 -9.41 2.66
C SER A 6 13.24 -8.90 1.22
N TYR A 7 14.42 -8.78 0.63
CA TYR A 7 14.59 -8.43 -0.78
C TYR A 7 14.93 -9.65 -1.63
N GLU A 8 14.62 -10.86 -1.15
CA GLU A 8 14.98 -12.08 -1.87
C GLU A 8 14.33 -12.11 -3.24
N GLY A 9 15.14 -12.38 -4.26
CA GLY A 9 14.67 -12.44 -5.62
C GLY A 9 14.53 -11.09 -6.32
N TYR A 10 14.68 -9.99 -5.59
CA TYR A 10 14.59 -8.67 -6.21
C TYR A 10 15.79 -8.42 -7.12
N LYS A 11 15.57 -7.65 -8.16
CA LYS A 11 16.63 -7.25 -9.07
C LYS A 11 16.62 -5.74 -9.26
N VAL A 12 17.77 -5.19 -9.59
CA VAL A 12 17.90 -3.79 -10.00
C VAL A 12 18.31 -3.79 -11.46
N TYR A 13 17.62 -3.01 -12.27
CA TYR A 13 17.92 -2.87 -13.69
C TYR A 13 18.44 -1.46 -13.96
N GLY A 14 19.40 -1.37 -14.87
CA GLY A 14 19.89 -0.10 -15.36
C GLY A 14 19.42 0.11 -16.79
N ILE A 15 18.92 1.32 -17.05
CA ILE A 15 18.41 1.69 -18.36
C ILE A 15 19.02 3.02 -18.75
N VAL A 16 19.62 3.07 -19.93
CA VAL A 16 20.15 4.34 -20.45
C VAL A 16 19.31 4.77 -21.65
N PRO A 17 18.38 5.72 -21.47
CA PRO A 17 17.61 6.20 -22.61
C PRO A 17 18.49 6.91 -23.62
N GLU A 18 18.15 6.76 -24.90
CA GLU A 18 18.94 7.32 -25.99
C GLU A 18 18.28 8.53 -26.63
N SER A 19 17.17 9.01 -26.06
CA SER A 19 16.46 10.15 -26.58
C SER A 19 15.50 10.64 -25.50
N PRO A 20 15.03 11.88 -25.61
CA PRO A 20 13.99 12.35 -24.67
C PRO A 20 12.74 11.50 -24.70
N ASP A 21 12.38 10.93 -25.86
CA ASP A 21 11.19 10.09 -25.92
C ASP A 21 11.38 8.79 -25.12
N GLU A 22 12.56 8.19 -25.20
CA GLU A 22 12.81 6.98 -24.44
C GLU A 22 12.78 7.23 -22.94
N ALA A 23 13.36 8.35 -22.51
CA ALA A 23 13.30 8.72 -21.10
C ALA A 23 11.86 8.95 -20.65
N GLU A 24 11.05 9.57 -21.51
CA GLU A 24 9.65 9.79 -21.16
C GLU A 24 8.90 8.48 -20.99
N ILE A 25 9.24 7.45 -21.75
CA ILE A 25 8.63 6.14 -21.57
C ILE A 25 8.89 5.62 -20.16
N LEU A 26 10.13 5.77 -19.68
CA LEU A 26 10.45 5.37 -18.31
C LEU A 26 9.60 6.15 -17.30
N TYR A 27 9.39 7.44 -17.55
CA TYR A 27 8.58 8.26 -16.64
C TYR A 27 7.14 7.76 -16.55
N GLN A 28 6.54 7.41 -17.71
CA GLN A 28 5.18 6.90 -17.67
C GLN A 28 5.11 5.56 -16.94
N ILE A 29 6.14 4.72 -17.11
CA ILE A 29 6.19 3.45 -16.39
C ILE A 29 6.24 3.69 -14.89
N ARG A 30 7.07 4.64 -14.45
CA ARG A 30 7.13 4.97 -13.03
C ARG A 30 5.80 5.49 -12.53
N GLN A 31 5.19 6.42 -13.27
CA GLN A 31 3.96 7.06 -12.80
C GLN A 31 2.79 6.09 -12.74
N SER A 32 2.81 5.03 -13.55
CA SER A 32 1.66 4.14 -13.67
C SER A 32 1.81 2.84 -12.90
N ASN A 33 2.99 2.53 -12.36
CA ASN A 33 3.22 1.27 -11.64
C ASN A 33 3.86 1.57 -10.30
N PRO A 34 3.04 1.88 -9.29
CA PRO A 34 3.61 2.24 -7.97
C PRO A 34 4.39 1.12 -7.30
N ASP A 35 4.19 -0.14 -7.71
CA ASP A 35 4.90 -1.24 -7.09
C ASP A 35 6.37 -1.29 -7.51
N LEU A 36 6.74 -0.59 -8.57
CA LEU A 36 8.15 -0.47 -8.94
C LEU A 36 8.80 0.64 -8.12
N ASP A 37 10.07 0.44 -7.79
CA ASP A 37 10.84 1.40 -6.99
C ASP A 37 11.95 1.98 -7.88
N PHE A 38 11.66 3.12 -8.49
CA PHE A 38 12.66 3.84 -9.29
C PHE A 38 13.64 4.54 -8.35
N TRP A 39 14.88 4.07 -8.34
CA TRP A 39 15.91 4.71 -7.54
C TRP A 39 16.41 6.01 -8.15
N HIS A 40 16.37 6.13 -9.48
CA HIS A 40 16.96 7.27 -10.17
C HIS A 40 16.34 7.39 -11.55
N LEU A 41 15.92 8.60 -11.92
CA LEU A 41 15.35 8.85 -13.25
C LEU A 41 15.47 10.34 -13.55
N THR A 42 16.18 10.68 -14.63
CA THR A 42 16.37 12.07 -15.04
C THR A 42 16.20 12.17 -16.55
N LYS A 43 16.24 13.41 -17.05
CA LYS A 43 16.30 13.68 -18.49
C LYS A 43 17.73 13.83 -18.99
N GLN A 44 18.71 13.67 -18.13
CA GLN A 44 20.10 13.95 -18.50
C GLN A 44 20.56 12.94 -19.54
N PRO A 45 21.10 13.40 -20.68
CA PRO A 45 21.59 12.47 -21.69
C PRO A 45 22.73 11.62 -21.15
N GLY A 46 22.69 10.32 -21.47
CA GLY A 46 23.70 9.39 -20.99
C GLY A 46 23.52 8.94 -19.56
N ASP A 47 22.58 9.52 -18.82
CA ASP A 47 22.34 9.09 -17.44
C ASP A 47 21.67 7.72 -17.42
N GLU A 48 21.97 6.95 -16.38
CA GLU A 48 21.42 5.62 -16.20
C GLU A 48 20.30 5.66 -15.17
N ALA A 49 19.08 5.37 -15.61
CA ALA A 49 17.99 5.13 -14.68
C ALA A 49 18.20 3.78 -13.98
N ARG A 50 17.79 3.72 -12.72
CA ARG A 50 17.90 2.50 -11.93
C ARG A 50 16.56 2.19 -11.29
N VAL A 51 16.10 0.95 -11.44
CA VAL A 51 14.77 0.54 -10.97
C VAL A 51 14.92 -0.76 -10.19
N LEU A 52 14.42 -0.76 -8.96
CA LEU A 52 14.35 -1.97 -8.15
C LEU A 52 13.00 -2.64 -8.37
N VAL A 53 13.02 -3.92 -8.74
CA VAL A 53 11.83 -4.61 -9.19
C VAL A 53 11.65 -5.91 -8.42
N ALA A 54 10.46 -6.10 -7.86
CA ALA A 54 10.11 -7.32 -7.14
C ALA A 54 9.91 -8.49 -8.11
N PRO A 55 10.06 -9.73 -7.62
CA PRO A 55 9.89 -10.90 -8.51
C PRO A 55 8.56 -10.93 -9.25
N LYS A 56 7.46 -10.53 -8.61
CA LYS A 56 6.16 -10.57 -9.27
C LYS A 56 6.05 -9.59 -10.43
N ASP A 57 6.91 -8.57 -10.47
CA ASP A 57 6.86 -7.54 -11.50
C ASP A 57 7.93 -7.68 -12.57
N GLN A 58 8.87 -8.61 -12.40
CA GLN A 58 10.07 -8.63 -13.24
C GLN A 58 9.73 -8.95 -14.69
N ARG A 59 8.91 -9.98 -14.93
CA ARG A 59 8.60 -10.36 -16.30
C ARG A 59 7.85 -9.25 -17.03
N SER A 60 6.85 -8.65 -16.38
CA SER A 60 6.08 -7.60 -17.03
C SER A 60 6.92 -6.35 -17.29
N PHE A 61 7.80 -6.00 -16.34
CA PHE A 61 8.63 -4.82 -16.50
C PHE A 61 9.59 -4.97 -17.67
N LEU A 62 10.25 -6.13 -17.78
CA LEU A 62 11.20 -6.33 -18.86
C LEU A 62 10.50 -6.34 -20.22
N ILE A 63 9.31 -6.93 -20.29
CA ILE A 63 8.55 -6.93 -21.55
C ILE A 63 8.24 -5.51 -21.97
N LYS A 64 7.89 -4.65 -21.02
CA LYS A 64 7.70 -3.23 -21.33
C LYS A 64 8.96 -2.61 -21.90
N LEU A 65 10.11 -2.98 -21.35
CA LEU A 65 11.39 -2.53 -21.91
C LEU A 65 11.58 -3.07 -23.33
N ILE A 66 11.32 -4.37 -23.52
CA ILE A 66 11.44 -4.97 -24.85
C ILE A 66 10.48 -4.31 -25.82
N ARG A 67 9.25 -4.05 -25.38
CA ARG A 67 8.24 -3.47 -26.27
C ARG A 67 8.69 -2.13 -26.84
N HIS A 68 9.40 -1.33 -26.04
CA HIS A 68 9.77 0.01 -26.44
C HIS A 68 11.21 0.12 -26.92
N GLY A 69 11.91 -1.00 -27.08
CA GLY A 69 13.24 -0.95 -27.67
C GLY A 69 14.30 -0.36 -26.79
N LEU A 70 14.06 -0.29 -25.48
CA LEU A 70 15.02 0.32 -24.58
C LEU A 70 16.16 -0.65 -24.28
N HIS A 71 17.34 -0.10 -24.05
CA HIS A 71 18.47 -0.92 -23.66
C HIS A 71 18.51 -0.98 -22.14
N TYR A 72 18.74 -2.18 -21.62
CA TYR A 72 18.75 -2.38 -20.19
C TYR A 72 19.83 -3.38 -19.83
N GLN A 73 20.25 -3.33 -18.58
CA GLN A 73 21.17 -4.31 -18.02
C GLN A 73 20.72 -4.64 -16.61
N GLU A 74 20.86 -5.91 -16.25
CA GLU A 74 20.60 -6.38 -14.90
C GLU A 74 21.82 -6.04 -14.06
N VAL A 75 21.75 -4.99 -13.26
CA VAL A 75 22.93 -4.52 -12.55
C VAL A 75 23.08 -5.20 -11.18
N ILE A 76 21.98 -5.63 -10.58
CA ILE A 76 22.01 -6.44 -9.36
C ILE A 76 21.07 -7.60 -9.60
N SER A 77 21.61 -8.81 -9.57
CA SER A 77 20.81 -9.99 -9.88
C SER A 77 20.05 -10.52 -8.68
N ASP A 78 20.62 -10.41 -7.48
CA ASP A 78 19.92 -10.83 -6.27
C ASP A 78 20.31 -9.88 -5.14
N VAL A 79 19.39 -9.01 -4.73
CA VAL A 79 19.65 -8.12 -3.61
C VAL A 79 19.91 -8.94 -2.35
N GLU A 80 19.45 -10.19 -2.32
CA GLU A 80 19.71 -11.14 -1.24
C GLU A 80 19.11 -10.73 0.10
N GLY A 81 17.79 -10.63 0.16
CA GLY A 81 17.14 -10.31 1.41
C GLY A 81 17.24 -8.85 1.81
N PRO B 2 -0.62 7.34 17.00
CA PRO B 2 -1.41 6.17 16.59
C PRO B 2 -0.82 5.49 15.37
N MET B 3 -0.62 4.17 15.46
CA MET B 3 0.00 3.43 14.37
C MET B 3 -0.84 3.44 13.10
N ARG B 4 -2.17 3.50 13.23
CA ARG B 4 -3.02 3.46 12.05
C ARG B 4 -4.04 4.58 12.05
N ARG B 5 -4.46 4.95 10.85
CA ARG B 5 -5.50 5.94 10.65
C ARG B 5 -6.87 5.39 11.03
N SER B 6 -7.70 6.23 11.63
CA SER B 6 -9.09 5.87 11.88
C SER B 6 -9.91 6.14 10.62
N TYR B 7 -11.22 5.92 10.70
CA TYR B 7 -12.11 6.18 9.58
C TYR B 7 -12.74 7.57 9.66
N GLU B 8 -12.17 8.47 10.45
CA GLU B 8 -12.74 9.80 10.60
C GLU B 8 -12.76 10.54 9.27
N GLY B 9 -13.91 11.11 8.94
CA GLY B 9 -14.07 11.85 7.70
C GLY B 9 -14.40 11.00 6.49
N TYR B 10 -14.38 9.68 6.61
CA TYR B 10 -14.74 8.82 5.49
C TYR B 10 -16.25 8.89 5.23
N LYS B 11 -16.62 8.68 3.96
CA LYS B 11 -18.01 8.65 3.56
C LYS B 11 -18.28 7.41 2.71
N VAL B 12 -19.53 6.95 2.72
CA VAL B 12 -19.99 5.91 1.81
C VAL B 12 -21.00 6.52 0.85
N TYR B 13 -20.82 6.24 -0.43
CA TYR B 13 -21.72 6.71 -1.48
C TYR B 13 -22.47 5.52 -2.08
N GLY B 14 -23.73 5.75 -2.42
CA GLY B 14 -24.54 4.77 -3.15
C GLY B 14 -24.74 5.24 -4.58
N ILE B 15 -24.57 4.32 -5.53
CA ILE B 15 -24.71 4.61 -6.95
C ILE B 15 -25.59 3.54 -7.58
N VAL B 16 -26.64 3.97 -8.28
CA VAL B 16 -27.49 3.05 -9.02
C VAL B 16 -27.25 3.31 -10.50
N PRO B 17 -26.46 2.48 -11.17
CA PRO B 17 -26.23 2.66 -12.61
C PRO B 17 -27.51 2.45 -13.40
N GLU B 18 -27.64 3.19 -14.50
CA GLU B 18 -28.84 3.17 -15.33
C GLU B 18 -28.64 2.41 -16.63
N SER B 19 -27.51 1.72 -16.79
CA SER B 19 -27.21 0.97 -18.00
C SER B 19 -26.04 0.05 -17.70
N PRO B 20 -25.84 -0.99 -18.51
CA PRO B 20 -24.63 -1.81 -18.37
C PRO B 20 -23.35 -1.01 -18.53
N ASP B 21 -23.35 0.02 -19.39
CA ASP B 21 -22.16 0.83 -19.57
C ASP B 21 -21.85 1.64 -18.32
N GLU B 22 -22.88 2.18 -17.66
CA GLU B 22 -22.66 2.92 -16.42
C GLU B 22 -22.15 2.01 -15.32
N ALA B 23 -22.71 0.80 -15.22
CA ALA B 23 -22.22 -0.16 -14.24
C ALA B 23 -20.77 -0.53 -14.55
N GLU B 24 -20.44 -0.70 -15.83
CA GLU B 24 -19.07 -1.01 -16.20
C GLU B 24 -18.12 0.12 -15.83
N ILE B 25 -18.58 1.37 -15.92
CA ILE B 25 -17.77 2.50 -15.48
C ILE B 25 -17.38 2.34 -14.01
N LEU B 26 -18.34 1.94 -13.17
CA LEU B 26 -18.03 1.70 -11.77
C LEU B 26 -16.96 0.62 -11.62
N TYR B 27 -17.05 -0.44 -12.43
CA TYR B 27 -16.07 -1.52 -12.34
C TYR B 27 -14.67 -1.03 -12.70
N GLN B 28 -14.54 -0.23 -13.76
CA GLN B 28 -13.23 0.31 -14.13
C GLN B 28 -12.71 1.26 -13.06
N ILE B 29 -13.59 2.03 -12.43
CA ILE B 29 -13.17 2.90 -11.34
C ILE B 29 -12.60 2.08 -10.20
N ARG B 30 -13.28 0.98 -9.83
CA ARG B 30 -12.77 0.11 -8.76
C ARG B 30 -11.42 -0.47 -9.11
N GLN B 31 -11.29 -1.01 -10.33
CA GLN B 31 -10.05 -1.68 -10.71
C GLN B 31 -8.89 -0.70 -10.87
N SER B 32 -9.16 0.59 -11.08
CA SER B 32 -8.12 1.56 -11.37
C SER B 32 -7.74 2.45 -10.19
N ASN B 33 -8.50 2.40 -9.09
CA ASN B 33 -8.25 3.27 -7.93
C ASN B 33 -8.22 2.43 -6.67
N PRO B 34 -7.06 1.86 -6.31
CA PRO B 34 -6.99 0.98 -5.15
C PRO B 34 -7.34 1.65 -3.81
N ASP B 35 -7.26 2.98 -3.71
CA ASP B 35 -7.58 3.64 -2.46
C ASP B 35 -9.07 3.67 -2.17
N LEU B 36 -9.92 3.40 -3.16
CA LEU B 36 -11.35 3.27 -2.91
C LEU B 36 -11.66 1.86 -2.40
N ASP B 37 -12.66 1.78 -1.53
CA ASP B 37 -13.11 0.52 -0.96
C ASP B 37 -14.54 0.28 -1.43
N PHE B 38 -14.69 -0.47 -2.52
CA PHE B 38 -16.01 -0.83 -3.01
C PHE B 38 -16.60 -1.91 -2.10
N TRP B 39 -17.64 -1.54 -1.35
CA TRP B 39 -18.31 -2.51 -0.50
C TRP B 39 -19.22 -3.44 -1.29
N HIS B 40 -19.75 -2.97 -2.42
CA HIS B 40 -20.73 -3.75 -3.18
C HIS B 40 -20.79 -3.24 -4.61
N LEU B 41 -20.75 -4.15 -5.58
CA LEU B 41 -20.86 -3.79 -6.99
C LEU B 41 -21.30 -5.03 -7.76
N THR B 42 -22.45 -4.94 -8.43
CA THR B 42 -22.96 -6.03 -9.25
C THR B 42 -23.50 -5.47 -10.56
N LYS B 43 -23.90 -6.39 -11.45
CA LYS B 43 -24.59 -6.03 -12.69
C LYS B 43 -26.10 -6.07 -12.55
N GLN B 44 -26.62 -6.38 -11.37
CA GLN B 44 -28.06 -6.54 -11.20
C GLN B 44 -28.78 -5.22 -11.41
N PRO B 45 -29.80 -5.16 -12.26
CA PRO B 45 -30.51 -3.89 -12.48
C PRO B 45 -31.17 -3.40 -11.19
N GLY B 46 -31.05 -2.09 -10.96
CA GLY B 46 -31.61 -1.47 -9.77
C GLY B 46 -30.78 -1.65 -8.52
N ASP B 47 -29.73 -2.46 -8.56
CA ASP B 47 -28.87 -2.65 -7.39
C ASP B 47 -28.06 -1.38 -7.13
N GLU B 48 -27.81 -1.11 -5.86
CA GLU B 48 -27.03 0.05 -5.46
C GLU B 48 -25.61 -0.38 -5.12
N ALA B 49 -24.65 0.09 -5.90
CA ALA B 49 -23.25 -0.04 -5.52
C ALA B 49 -22.96 0.86 -4.33
N ARG B 50 -22.06 0.40 -3.46
CA ARG B 50 -21.68 1.15 -2.26
C ARG B 50 -20.16 1.25 -2.22
N VAL B 51 -19.65 2.47 -2.01
CA VAL B 51 -18.21 2.74 -2.06
C VAL B 51 -17.82 3.56 -0.84
N LEU B 52 -16.84 3.06 -0.09
CA LEU B 52 -16.26 3.78 1.03
C LEU B 52 -15.08 4.60 0.53
N VAL B 53 -15.11 5.92 0.80
CA VAL B 53 -14.16 6.87 0.21
C VAL B 53 -13.51 7.70 1.31
N ALA B 54 -12.18 7.76 1.29
CA ALA B 54 -11.44 8.59 2.22
C ALA B 54 -11.59 10.07 1.88
N PRO B 55 -11.41 10.96 2.87
CA PRO B 55 -11.59 12.40 2.59
C PRO B 55 -10.77 12.92 1.43
N LYS B 56 -9.52 12.45 1.28
CA LYS B 56 -8.66 12.94 0.21
C LYS B 56 -9.17 12.55 -1.17
N ASP B 57 -10.04 11.53 -1.26
CA ASP B 57 -10.52 11.02 -2.54
C ASP B 57 -11.95 11.42 -2.86
N GLN B 58 -12.66 12.08 -1.95
CA GLN B 58 -14.10 12.23 -2.12
C GLN B 58 -14.45 13.12 -3.31
N ARG B 59 -13.81 14.30 -3.41
CA ARG B 59 -14.13 15.20 -4.51
C ARG B 59 -13.72 14.59 -5.85
N SER B 60 -12.54 13.97 -5.91
CA SER B 60 -12.09 13.36 -7.15
C SER B 60 -12.99 12.20 -7.55
N PHE B 61 -13.45 11.42 -6.58
CA PHE B 61 -14.32 10.29 -6.88
C PHE B 61 -15.65 10.76 -7.47
N LEU B 62 -16.26 11.78 -6.86
CA LEU B 62 -17.52 12.30 -7.36
C LEU B 62 -17.35 12.92 -8.74
N ILE B 63 -16.21 13.57 -8.98
CA ILE B 63 -15.94 14.14 -10.30
C ILE B 63 -15.90 13.05 -11.35
N LYS B 64 -15.30 11.90 -11.01
CA LYS B 64 -15.29 10.76 -11.94
C LYS B 64 -16.69 10.28 -12.25
N LEU B 65 -17.57 10.24 -11.25
CA LEU B 65 -18.96 9.88 -11.49
C LEU B 65 -19.64 10.89 -12.39
N ILE B 66 -19.48 12.19 -12.09
CA ILE B 66 -20.10 13.25 -12.88
C ILE B 66 -19.62 13.20 -14.32
N ARG B 67 -18.32 12.96 -14.52
CA ARG B 67 -17.75 12.93 -15.86
C ARG B 67 -18.45 11.92 -16.75
N HIS B 68 -18.90 10.81 -16.19
CA HIS B 68 -19.55 9.75 -16.95
C HIS B 68 -21.06 9.74 -16.77
N GLY B 69 -21.62 10.79 -16.17
CA GLY B 69 -23.06 10.94 -16.04
C GLY B 69 -23.73 10.07 -15.01
N LEU B 70 -22.98 9.52 -14.06
CA LEU B 70 -23.57 8.68 -13.03
C LEU B 70 -24.12 9.55 -11.89
N HIS B 71 -25.22 9.07 -11.31
CA HIS B 71 -25.86 9.69 -10.15
C HIS B 71 -25.42 9.00 -8.86
N TYR B 72 -25.28 9.80 -7.80
CA TYR B 72 -24.80 9.30 -6.52
C TYR B 72 -25.59 9.92 -5.38
N GLN B 73 -25.54 9.26 -4.22
CA GLN B 73 -26.08 9.79 -2.99
C GLN B 73 -25.11 9.47 -1.85
N GLU B 74 -24.93 10.43 -0.95
CA GLU B 74 -24.13 10.23 0.25
C GLU B 74 -24.95 9.48 1.28
N VAL B 75 -24.67 8.19 1.44
CA VAL B 75 -25.50 7.36 2.31
C VAL B 75 -24.97 7.25 3.74
N ILE B 76 -23.65 7.37 3.95
CA ILE B 76 -23.08 7.35 5.29
C ILE B 76 -22.12 8.50 5.43
N SER B 77 -22.39 9.40 6.39
CA SER B 77 -21.56 10.58 6.64
C SER B 77 -20.45 10.35 7.65
N ASP B 78 -20.64 9.50 8.66
CA ASP B 78 -19.58 9.32 9.65
C ASP B 78 -19.49 7.81 9.86
N VAL B 79 -18.48 7.19 9.25
CA VAL B 79 -18.34 5.74 9.33
C VAL B 79 -18.02 5.26 10.75
N GLU B 80 -17.43 6.10 11.59
CA GLU B 80 -17.10 5.69 12.97
C GLU B 80 -18.35 5.33 13.77
N GLY B 81 -19.33 6.21 13.78
CA GLY B 81 -20.57 5.96 14.49
C GLY B 81 -21.41 4.85 13.90
N ASP C 1 35.12 12.69 14.66
CA ASP C 1 34.67 12.85 13.29
C ASP C 1 33.26 12.29 13.10
N VAL C 2 32.34 13.13 12.61
CA VAL C 2 31.00 12.67 12.25
C VAL C 2 30.94 12.07 10.86
N SER C 3 32.06 12.06 10.14
CA SER C 3 32.11 11.62 8.76
C SER C 3 32.67 10.20 8.60
N THR C 4 32.62 9.39 9.66
CA THR C 4 33.12 8.03 9.59
C THR C 4 32.01 6.99 9.56
N SER C 5 30.77 7.36 9.87
CA SER C 5 29.67 6.41 9.86
C SER C 5 28.36 7.18 9.74
N TYR C 6 27.31 6.47 9.33
CA TYR C 6 25.97 7.05 9.29
C TYR C 6 25.37 7.00 10.70
N LEU C 7 25.01 8.16 11.23
CA LEU C 7 24.51 8.28 12.59
C LEU C 7 23.01 8.01 12.64
N ARG C 8 22.57 7.38 13.72
CA ARG C 8 21.15 7.26 14.01
C ARG C 8 20.61 8.58 14.51
N HIS C 9 19.28 8.71 14.50
CA HIS C 9 18.68 10.00 14.86
C HIS C 9 19.04 10.41 16.28
N ASN C 10 19.02 9.47 17.23
CA ASN C 10 19.35 9.83 18.61
C ASN C 10 20.80 10.29 18.72
N GLU C 11 21.71 9.66 17.98
CA GLU C 11 23.11 10.10 18.00
C GLU C 11 23.24 11.49 17.41
N ILE C 12 22.44 11.81 16.39
CA ILE C 12 22.47 13.15 15.79
C ILE C 12 22.03 14.20 16.81
N ASN C 13 20.92 13.94 17.50
CA ASN C 13 20.42 14.91 18.47
C ASN C 13 21.37 15.01 19.66
N GLU C 14 21.96 13.90 20.08
CA GLU C 14 22.96 13.94 21.14
C GLU C 14 24.17 14.78 20.71
N TYR C 15 24.59 14.65 19.46
CA TYR C 15 25.69 15.47 18.96
C TYR C 15 25.33 16.95 19.00
N LEU C 16 24.11 17.29 18.57
CA LEU C 16 23.67 18.68 18.61
C LEU C 16 23.63 19.19 20.05
N GLN C 17 23.12 18.39 20.97
CA GLN C 17 23.05 18.81 22.37
C GLN C 17 24.44 19.06 22.93
N THR C 18 25.41 18.21 22.56
CA THR C 18 26.78 18.42 23.00
C THR C 18 27.33 19.74 22.49
N LEU C 19 27.05 20.07 21.22
CA LEU C 19 27.52 21.34 20.67
C LEU C 19 26.89 22.53 21.40
N SER C 20 25.62 22.42 21.76
CA SER C 20 24.96 23.50 22.48
C SER C 20 25.58 23.71 23.85
N GLN C 21 26.11 22.64 24.46
CA GLN C 21 26.76 22.77 25.76
C GLN C 21 28.21 23.24 25.62
N LYS C 22 28.91 22.78 24.58
CA LYS C 22 30.32 23.11 24.41
C LYS C 22 30.53 24.51 23.86
N TYR C 23 29.60 25.02 23.05
CA TYR C 23 29.75 26.31 22.37
C TYR C 23 28.54 27.20 22.67
N PRO C 24 28.32 27.55 23.95
CA PRO C 24 27.10 28.32 24.28
C PRO C 24 27.08 29.72 23.71
N SER C 25 28.23 30.31 23.38
CA SER C 25 28.25 31.64 22.78
C SER C 25 28.04 31.63 21.27
N LEU C 26 28.28 30.48 20.61
CA LEU C 26 28.17 30.40 19.16
C LEU C 26 26.92 29.69 18.68
N VAL C 27 26.32 28.84 19.51
CA VAL C 27 25.36 27.84 19.06
C VAL C 27 24.14 27.87 19.96
N SER C 28 22.96 27.69 19.35
CA SER C 28 21.75 27.37 20.08
C SER C 28 21.03 26.23 19.36
N VAL C 29 20.55 25.26 20.13
CA VAL C 29 19.84 24.10 19.61
C VAL C 29 18.41 24.18 20.10
N GLU C 30 17.45 23.97 19.19
CA GLU C 30 16.05 24.09 19.53
C GLU C 30 15.24 23.02 18.81
N GLU C 31 14.04 22.78 19.32
CA GLU C 31 13.11 21.85 18.69
C GLU C 31 12.23 22.63 17.72
N ALA C 32 12.30 22.27 16.43
CA ALA C 32 11.43 22.90 15.44
C ALA C 32 10.08 22.23 15.37
N GLY C 33 9.98 20.97 15.79
CA GLY C 33 8.72 20.25 15.79
C GLY C 33 8.95 18.83 16.25
N THR C 34 7.87 18.06 16.27
CA THR C 34 7.91 16.68 16.69
C THR C 34 7.39 15.81 15.56
N SER C 35 8.12 14.74 15.25
CA SER C 35 7.71 13.84 14.19
C SER C 35 6.41 13.12 14.59
N TYR C 36 5.81 12.45 13.61
CA TYR C 36 4.56 11.74 13.88
C TYR C 36 4.72 10.71 14.99
N GLU C 37 5.83 9.98 14.99
CA GLU C 37 6.07 8.97 16.01
C GLU C 37 6.67 9.54 17.29
N GLY C 38 6.83 10.86 17.38
CA GLY C 38 7.20 11.50 18.62
C GLY C 38 8.65 11.88 18.77
N ARG C 39 9.43 11.91 17.70
CA ARG C 39 10.85 12.24 17.78
C ARG C 39 11.06 13.74 17.63
N SER C 40 12.08 14.24 18.31
CA SER C 40 12.35 15.67 18.33
C SER C 40 13.09 16.06 17.04
N ILE C 41 12.48 16.94 16.25
CA ILE C 41 13.10 17.46 15.03
C ILE C 41 13.81 18.75 15.41
N LYS C 42 15.13 18.70 15.50
CA LYS C 42 15.91 19.82 16.02
C LYS C 42 16.59 20.59 14.89
N THR C 43 16.86 21.86 15.16
CA THR C 43 17.75 22.69 14.37
C THR C 43 18.89 23.16 15.25
N ILE C 44 20.01 23.49 14.61
CA ILE C 44 21.11 24.18 15.27
C ILE C 44 21.27 25.53 14.59
N THR C 45 21.28 26.60 15.39
CA THR C 45 21.48 27.95 14.88
C THR C 45 22.90 28.38 15.21
N ILE C 46 23.66 28.78 14.18
CA ILE C 46 25.08 29.05 14.31
C ILE C 46 25.35 30.51 13.94
N ASN C 47 26.02 31.23 14.85
CA ASN C 47 26.42 32.62 14.65
C ASN C 47 25.19 33.52 14.45
N LYS C 48 24.35 33.55 15.47
CA LYS C 48 23.20 34.45 15.46
C LYS C 48 23.71 35.85 15.82
N LYS C 49 23.46 36.81 14.93
CA LYS C 49 23.82 38.20 15.15
C LYS C 49 22.80 39.09 14.47
N PRO C 50 22.35 40.17 15.13
CA PRO C 50 21.34 41.03 14.51
C PRO C 50 21.81 41.59 13.18
N GLY C 51 20.90 41.60 12.21
CA GLY C 51 21.18 42.08 10.87
C GLY C 51 21.82 41.08 9.94
N ASN C 52 22.16 39.89 10.43
CA ASN C 52 22.79 38.88 9.60
C ASN C 52 21.81 38.32 8.58
N ALA C 53 22.32 38.02 7.38
CA ALA C 53 21.60 37.14 6.47
C ALA C 53 21.67 35.71 7.00
N VAL C 54 20.62 34.94 6.74
CA VAL C 54 20.49 33.60 7.29
C VAL C 54 20.51 32.59 6.16
N VAL C 55 21.31 31.53 6.33
CA VAL C 55 21.27 30.35 5.47
C VAL C 55 20.47 29.26 6.20
N PHE C 56 19.41 28.78 5.58
CA PHE C 56 18.67 27.63 6.10
C PHE C 56 19.04 26.39 5.28
N LEU C 57 19.53 25.37 5.96
CA LEU C 57 19.96 24.13 5.32
C LEU C 57 19.22 22.97 5.96
N ASP C 58 18.56 22.15 5.16
CA ASP C 58 17.92 20.94 5.67
C ASP C 58 18.35 19.73 4.84
N ALA C 59 18.07 18.56 5.39
CA ALA C 59 18.47 17.30 4.79
C ALA C 59 17.61 16.20 5.37
N GLY C 60 17.58 15.06 4.69
CA GLY C 60 16.92 13.89 5.22
C GLY C 60 15.41 13.94 5.20
N ILE C 61 14.81 14.66 4.25
CA ILE C 61 13.37 14.54 4.07
C ILE C 61 13.03 13.19 3.47
N HIS C 62 13.91 12.63 2.64
CA HIS C 62 13.72 11.31 2.05
C HIS C 62 14.60 10.32 2.80
N ALA C 63 13.97 9.29 3.34
CA ALA C 63 14.61 8.46 4.37
C ALA C 63 15.91 7.83 3.89
N ARG C 64 15.91 7.28 2.68
CA ARG C 64 17.04 6.48 2.22
C ARG C 64 18.23 7.30 1.75
N GLU C 65 18.10 8.63 1.67
CA GLU C 65 19.14 9.48 1.09
C GLU C 65 20.15 9.86 2.18
N TRP C 66 20.86 8.83 2.66
CA TRP C 66 21.65 8.94 3.89
C TRP C 66 22.81 9.92 3.78
N ILE C 67 23.34 10.16 2.58
CA ILE C 67 24.51 11.04 2.50
C ILE C 67 24.13 12.49 2.74
N ALA C 68 22.84 12.84 2.64
CA ALA C 68 22.44 14.22 2.88
C ALA C 68 22.52 14.60 4.36
N PRO C 69 21.95 13.85 5.31
CA PRO C 69 22.20 14.20 6.72
C PRO C 69 23.67 14.18 7.08
N ALA C 70 24.43 13.25 6.52
CA ALA C 70 25.87 13.21 6.79
C ALA C 70 26.54 14.49 6.31
N THR C 71 26.14 14.99 5.14
CA THR C 71 26.69 16.26 4.66
C THR C 71 26.29 17.43 5.54
N ALA C 72 25.02 17.46 5.97
CA ALA C 72 24.58 18.52 6.87
C ALA C 72 25.33 18.47 8.19
N LEU C 73 25.55 17.26 8.73
CA LEU C 73 26.28 17.12 9.97
C LEU C 73 27.74 17.57 9.81
N TYR C 74 28.36 17.23 8.68
CA TYR C 74 29.73 17.68 8.43
C TYR C 74 29.80 19.19 8.32
N ALA C 75 28.81 19.80 7.65
CA ALA C 75 28.75 21.26 7.59
C ALA C 75 28.65 21.86 8.99
N ILE C 76 27.84 21.26 9.85
CA ILE C 76 27.73 21.73 11.24
C ILE C 76 29.09 21.61 11.92
N GLU C 77 29.77 20.48 11.74
CA GLU C 77 31.05 20.26 12.40
C GLU C 77 32.08 21.29 11.95
N GLN C 78 32.12 21.59 10.65
CA GLN C 78 33.08 22.57 10.15
C GLN C 78 32.79 23.96 10.69
N LEU C 79 31.53 24.39 10.63
CA LEU C 79 31.17 25.74 11.05
C LEU C 79 31.34 25.93 12.55
N VAL C 80 31.06 24.90 13.34
CA VAL C 80 31.07 25.04 14.80
C VAL C 80 32.41 24.63 15.39
N GLU C 81 32.92 23.46 15.03
CA GLU C 81 34.16 22.94 15.61
C GLU C 81 35.41 23.37 14.85
N HIS C 82 35.27 23.95 13.66
CA HIS C 82 36.40 24.48 12.91
C HIS C 82 36.08 25.87 12.38
N SER C 83 35.47 26.71 13.23
CA SER C 83 35.00 28.02 12.79
C SER C 83 36.13 28.90 12.30
N SER C 84 37.35 28.72 12.84
CA SER C 84 38.47 29.55 12.41
C SER C 84 38.86 29.28 10.96
N GLU C 85 38.48 28.13 10.40
CA GLU C 85 38.70 27.84 8.99
C GLU C 85 37.53 28.27 8.11
N ASN C 86 36.52 28.93 8.67
CA ASN C 86 35.29 29.19 7.94
C ASN C 86 34.76 30.59 8.23
N GLN C 87 35.66 31.53 8.55
CA GLN C 87 35.23 32.88 8.91
C GLN C 87 34.57 33.60 7.74
N GLU C 88 34.95 33.27 6.50
CA GLU C 88 34.36 33.94 5.34
C GLU C 88 32.87 33.70 5.23
N VAL C 89 32.36 32.60 5.78
CA VAL C 89 30.94 32.32 5.80
C VAL C 89 30.39 32.39 7.22
N LEU C 90 31.07 33.16 8.08
CA LEU C 90 30.62 33.34 9.46
C LEU C 90 30.69 34.79 9.91
N SER C 91 30.94 35.75 9.02
CA SER C 91 30.94 37.15 9.43
C SER C 91 29.52 37.72 9.45
N ASN C 92 28.91 37.83 8.28
CA ASN C 92 27.57 38.37 8.13
C ASN C 92 26.53 37.29 7.87
N LEU C 93 26.90 36.02 7.99
CA LEU C 93 26.00 34.90 7.74
C LEU C 93 25.67 34.18 9.04
N THR C 94 24.38 33.93 9.25
CA THR C 94 23.90 33.04 10.29
C THR C 94 23.40 31.76 9.64
N TRP C 95 23.65 30.62 10.26
CA TRP C 95 23.22 29.33 9.73
C TRP C 95 22.18 28.69 10.64
N VAL C 96 21.09 28.23 10.06
CA VAL C 96 20.12 27.36 10.72
C VAL C 96 20.10 26.07 9.93
N ILE C 97 20.48 24.97 10.58
CA ILE C 97 20.66 23.69 9.91
C ILE C 97 19.75 22.65 10.55
N MET C 98 18.94 21.99 9.72
CA MET C 98 18.05 20.91 10.13
C MET C 98 18.59 19.61 9.53
N PRO C 99 19.44 18.87 10.23
CA PRO C 99 20.12 17.74 9.58
C PRO C 99 19.21 16.57 9.22
N VAL C 100 18.06 16.40 9.89
CA VAL C 100 17.12 15.33 9.54
C VAL C 100 15.71 15.90 9.60
N VAL C 101 15.05 15.99 8.45
CA VAL C 101 13.67 16.47 8.41
C VAL C 101 12.69 15.37 8.79
N ASN C 102 13.00 14.13 8.43
CA ASN C 102 12.06 13.00 8.50
C ASN C 102 12.70 11.89 9.34
N PRO C 103 12.77 12.09 10.66
CA PRO C 103 13.44 11.09 11.51
C PRO C 103 12.72 9.75 11.58
N ASP C 104 11.39 9.73 11.47
CA ASP C 104 10.68 8.45 11.52
C ASP C 104 11.05 7.58 10.33
N GLY C 105 10.96 8.13 9.13
CA GLY C 105 11.37 7.38 7.96
C GLY C 105 12.85 7.05 7.99
N TYR C 106 13.69 8.00 8.41
CA TYR C 106 15.13 7.76 8.47
C TYR C 106 15.44 6.55 9.36
N GLU C 107 14.84 6.50 10.55
CA GLU C 107 15.06 5.38 11.45
C GLU C 107 14.51 4.08 10.86
N PHE C 108 13.34 4.16 10.20
CA PHE C 108 12.75 2.97 9.59
C PHE C 108 13.67 2.40 8.51
N SER C 109 14.38 3.27 7.78
CA SER C 109 15.30 2.79 6.76
C SER C 109 16.53 2.12 7.37
N HIS C 110 16.88 2.49 8.60
CA HIS C 110 17.97 1.81 9.31
C HIS C 110 17.51 0.47 9.89
N GLU C 111 16.28 0.42 10.41
CA GLU C 111 15.81 -0.75 11.13
C GLU C 111 15.20 -1.81 10.22
N THR C 112 14.43 -1.41 9.22
CA THR C 112 13.55 -2.35 8.53
C THR C 112 13.74 -2.38 7.02
N ASP C 113 13.81 -1.23 6.36
CA ASP C 113 13.77 -1.17 4.89
C ASP C 113 14.71 -0.06 4.41
N ARG C 114 15.90 -0.46 3.94
CA ARG C 114 16.93 0.50 3.56
C ARG C 114 16.46 1.47 2.47
N PHE C 115 15.47 1.08 1.67
CA PHE C 115 15.03 1.90 0.54
C PHE C 115 13.70 2.58 0.81
N TRP C 116 13.30 2.67 2.08
CA TRP C 116 12.15 3.49 2.43
C TRP C 116 12.45 4.95 2.12
N ARG C 117 11.42 5.68 1.71
CA ARG C 117 11.58 7.05 1.25
C ARG C 117 10.72 8.05 2.02
N LYS C 118 9.49 7.70 2.35
CA LYS C 118 8.51 8.65 2.83
C LYS C 118 8.58 8.81 4.35
N THR C 119 7.60 9.51 4.91
CA THR C 119 7.38 9.54 6.35
C THR C 119 6.78 8.19 6.77
N ARG C 120 6.32 8.10 8.01
CA ARG C 120 5.70 6.89 8.52
C ARG C 120 4.28 7.11 9.01
N LYS C 121 3.73 8.31 8.85
CA LYS C 121 2.37 8.60 9.28
C LYS C 121 1.38 7.82 8.43
N PRO C 122 0.47 7.05 9.03
CA PRO C 122 -0.51 6.29 8.24
C PRO C 122 -1.38 7.22 7.42
N THR C 123 -1.70 6.79 6.20
CA THR C 123 -2.48 7.59 5.27
C THR C 123 -3.85 7.00 5.02
N GLY C 124 -4.21 6.00 5.79
CA GLY C 124 -5.47 5.31 5.65
C GLY C 124 -5.31 3.87 6.12
N LYS C 125 -6.09 2.99 5.51
CA LYS C 125 -6.18 1.61 5.95
C LYS C 125 -5.10 0.71 5.36
N SER C 126 -4.35 1.15 4.34
CA SER C 126 -3.50 0.23 3.61
C SER C 126 -2.01 0.49 3.75
N CYS C 127 -1.57 1.73 3.95
CA CYS C 127 -0.15 2.04 3.88
C CYS C 127 0.18 3.20 4.81
N LYS C 128 1.47 3.48 4.91
CA LYS C 128 2.00 4.54 5.77
C LYS C 128 2.90 5.44 4.96
N GLY C 129 2.84 6.72 5.24
CA GLY C 129 3.89 7.59 4.77
C GLY C 129 3.47 8.50 3.63
N THR C 130 4.02 9.71 3.64
CA THR C 130 3.85 10.72 2.60
C THR C 130 5.21 11.14 2.08
N ASP C 131 5.30 11.45 0.79
CA ASP C 131 6.51 12.05 0.23
C ASP C 131 6.59 13.50 0.71
N GLY C 132 7.48 13.76 1.67
CA GLY C 132 7.58 15.11 2.22
C GLY C 132 7.88 16.17 1.18
N ASN C 133 8.66 15.82 0.17
CA ASN C 133 9.00 16.79 -0.88
C ASN C 133 7.95 16.86 -1.96
N ARG C 134 6.76 16.30 -1.72
CA ARG C 134 5.57 16.59 -2.52
C ARG C 134 4.46 17.20 -1.66
N ASN C 135 4.80 17.65 -0.45
CA ASN C 135 3.82 18.00 0.56
C ASN C 135 3.80 19.49 0.89
N PHE C 136 4.66 20.30 0.29
CA PHE C 136 4.68 21.74 0.58
C PHE C 136 3.59 22.45 -0.22
N ASP C 137 2.99 23.48 0.40
CA ASP C 137 1.78 24.10 -0.13
C ASP C 137 2.10 25.22 -1.12
N TYR C 138 2.59 24.82 -2.30
CA TYR C 138 2.72 25.76 -3.41
C TYR C 138 2.48 24.99 -4.70
N HIS C 139 1.35 25.29 -5.36
CA HIS C 139 0.87 24.52 -6.50
C HIS C 139 0.76 23.04 -6.14
N TRP C 140 0.42 22.77 -4.88
CA TRP C 140 0.43 21.42 -4.34
C TRP C 140 -0.49 20.49 -5.13
N GLY C 141 0.02 19.31 -5.46
CA GLY C 141 -0.77 18.28 -6.13
C GLY C 141 -1.05 18.50 -7.60
N GLU C 142 -0.43 19.50 -8.22
CA GLU C 142 -0.82 19.87 -9.58
C GLU C 142 -0.10 19.07 -10.66
N VAL C 143 1.09 18.54 -10.37
CA VAL C 143 1.85 17.77 -11.36
C VAL C 143 2.88 16.92 -10.64
N GLY C 144 3.19 15.76 -11.21
CA GLY C 144 4.31 14.95 -10.76
C GLY C 144 4.23 14.44 -9.35
N ALA C 145 3.03 14.40 -8.76
CA ALA C 145 2.83 13.87 -7.42
C ALA C 145 1.67 12.90 -7.46
N SER C 146 1.89 11.69 -6.95
CA SER C 146 0.86 10.66 -7.03
C SER C 146 -0.25 10.94 -6.03
N THR C 147 -1.49 10.66 -6.45
CA THR C 147 -2.65 10.71 -5.57
C THR C 147 -2.86 9.41 -4.81
N GLN C 148 -2.06 8.38 -5.08
CA GLN C 148 -2.21 7.08 -4.46
C GLN C 148 -1.49 7.06 -3.13
N ALA C 149 -2.21 6.66 -2.07
CA ALA C 149 -1.66 6.73 -0.72
C ALA C 149 -0.40 5.91 -0.55
N CYS C 150 -0.29 4.79 -1.25
CA CYS C 150 0.82 3.85 -1.06
C CYS C 150 1.98 4.10 -2.02
N ALA C 151 1.85 5.03 -2.95
CA ALA C 151 2.93 5.33 -3.88
C ALA C 151 4.05 6.08 -3.16
N ASP C 152 5.28 5.89 -3.64
CA ASP C 152 6.42 6.53 -2.99
C ASP C 152 6.46 8.03 -3.22
N THR C 153 5.70 8.55 -4.17
CA THR C 153 5.57 10.00 -4.38
C THR C 153 4.23 10.54 -3.88
N PHE C 154 3.56 9.84 -2.96
CA PHE C 154 2.26 10.28 -2.48
C PHE C 154 2.35 11.70 -1.92
N ARG C 155 1.42 12.56 -2.36
CA ARG C 155 1.47 13.98 -2.02
C ARG C 155 0.97 14.28 -0.61
N GLY C 156 0.35 13.32 0.06
CA GLY C 156 -0.25 13.54 1.36
C GLY C 156 -1.76 13.78 1.27
N GLU C 157 -2.43 13.62 2.42
CA GLU C 157 -3.86 13.86 2.47
C GLU C 157 -4.19 15.31 2.10
N THR C 158 -3.38 16.24 2.56
CA THR C 158 -3.46 17.64 2.23
C THR C 158 -2.04 18.17 2.13
N ALA C 159 -1.89 19.39 1.64
CA ALA C 159 -0.60 20.06 1.77
C ALA C 159 -0.28 20.24 3.25
N PHE C 160 1.00 20.08 3.60
CA PHE C 160 1.47 20.20 4.99
C PHE C 160 0.69 19.27 5.92
N SER C 161 0.35 18.08 5.42
CA SER C 161 -0.27 17.06 6.26
C SER C 161 0.73 16.44 7.23
N GLU C 162 2.02 16.56 6.96
CA GLU C 162 3.05 15.92 7.77
C GLU C 162 3.62 16.91 8.77
N PRO C 163 3.74 16.55 10.05
CA PRO C 163 4.39 17.47 11.00
C PRO C 163 5.83 17.78 10.62
N GLU C 164 6.47 16.86 9.90
CA GLU C 164 7.85 17.07 9.48
C GLU C 164 7.97 18.24 8.50
N THR C 165 7.05 18.33 7.54
CA THR C 165 7.08 19.45 6.61
C THR C 165 6.57 20.73 7.25
N ARG C 166 5.63 20.62 8.18
CA ARG C 166 5.23 21.78 8.98
C ARG C 166 6.39 22.30 9.82
N ALA C 167 7.25 21.40 10.30
CA ALA C 167 8.44 21.83 11.04
C ALA C 167 9.38 22.66 10.19
N VAL C 168 9.59 22.23 8.94
CA VAL C 168 10.40 23.03 8.02
C VAL C 168 9.76 24.39 7.79
N ARG C 169 8.45 24.39 7.54
CA ARG C 169 7.73 25.65 7.30
C ARG C 169 7.85 26.59 8.48
N ASP C 170 7.59 26.09 9.70
CA ASP C 170 7.67 26.95 10.88
C ASP C 170 9.09 27.46 11.11
N ALA C 171 10.08 26.58 10.96
CA ALA C 171 11.46 26.99 11.19
C ALA C 171 11.90 28.07 10.22
N VAL C 172 11.52 27.94 8.94
CA VAL C 172 11.88 28.96 7.96
C VAL C 172 11.11 30.25 8.22
N MET C 173 9.79 30.14 8.46
CA MET C 173 8.97 31.33 8.68
C MET C 173 9.40 32.11 9.91
N LYS C 174 9.92 31.42 10.92
CA LYS C 174 10.39 32.10 12.13
C LYS C 174 11.50 33.10 11.84
N LEU C 175 12.20 32.95 10.72
CA LEU C 175 13.31 33.85 10.39
C LEU C 175 12.82 35.25 10.01
N LYS C 176 11.53 35.41 9.70
CA LYS C 176 10.88 36.71 9.53
C LYS C 176 11.65 37.61 8.56
N GLY C 177 11.83 37.10 7.34
CA GLY C 177 12.42 37.87 6.26
C GLY C 177 13.93 37.87 6.19
N SER C 178 14.61 37.29 7.17
CA SER C 178 16.07 37.31 7.19
C SER C 178 16.72 36.19 6.37
N CYS C 179 15.95 35.20 5.92
CA CYS C 179 16.54 34.09 5.18
C CYS C 179 16.79 34.49 3.73
N LYS C 180 18.05 34.50 3.33
CA LYS C 180 18.44 34.81 1.96
C LYS C 180 18.85 33.59 1.16
N PHE C 181 19.10 32.45 1.81
CA PHE C 181 19.58 31.24 1.14
C PHE C 181 18.89 30.05 1.75
N TYR C 182 18.03 29.39 0.98
CA TYR C 182 17.44 28.11 1.35
C TYR C 182 18.12 27.01 0.54
N LEU C 183 18.63 25.98 1.23
CA LEU C 183 19.37 24.90 0.61
C LEU C 183 18.87 23.57 1.14
N SER C 184 18.40 22.70 0.25
CA SER C 184 17.87 21.38 0.61
C SER C 184 18.76 20.31 -0.01
N LEU C 185 19.31 19.43 0.83
CA LEU C 185 20.25 18.40 0.38
C LEU C 185 19.53 17.08 0.16
N HIS C 186 19.73 16.49 -1.02
CA HIS C 186 19.17 15.21 -1.41
C HIS C 186 20.28 14.36 -2.04
N SER C 187 19.89 13.17 -2.49
CA SER C 187 20.77 12.30 -3.25
C SER C 187 19.90 11.41 -4.13
N TYR C 188 20.44 10.96 -5.26
CA TYR C 188 21.80 11.26 -5.72
C TYR C 188 21.79 11.76 -7.17
N GLY C 189 22.95 12.15 -7.68
CA GLY C 189 23.03 12.50 -9.09
C GLY C 189 23.97 13.62 -9.51
N ASN C 190 24.56 14.33 -8.53
CA ASN C 190 25.48 15.45 -8.82
C ASN C 190 24.77 16.56 -9.57
N TYR C 191 23.73 17.12 -8.95
CA TYR C 191 22.99 18.23 -9.52
C TYR C 191 22.87 19.35 -8.50
N ILE C 192 22.90 20.58 -9.00
CA ILE C 192 22.55 21.76 -8.22
C ILE C 192 21.40 22.43 -8.96
N LEU C 193 20.19 22.33 -8.41
CA LEU C 193 18.97 22.69 -9.09
C LEU C 193 18.21 23.76 -8.32
N TYR C 194 17.41 24.54 -9.05
CA TYR C 194 16.62 25.61 -8.44
C TYR C 194 15.23 25.68 -9.07
N PRO C 195 14.30 26.45 -8.50
CA PRO C 195 12.93 26.50 -9.05
C PRO C 195 12.91 26.91 -10.52
N TRP C 196 11.79 26.58 -11.19
CA TRP C 196 10.64 25.92 -10.59
C TRP C 196 10.69 24.41 -10.74
N GLY C 197 10.43 23.70 -9.64
CA GLY C 197 10.25 22.26 -9.73
C GLY C 197 8.99 21.89 -10.48
N TRP C 198 7.93 22.69 -10.35
CA TRP C 198 6.62 22.31 -10.85
C TRP C 198 6.37 22.74 -12.30
N THR C 199 7.21 23.59 -12.88
CA THR C 199 6.98 24.03 -14.25
C THR C 199 8.30 24.36 -14.91
N SER C 200 8.31 24.28 -16.25
CA SER C 200 9.51 24.58 -17.04
C SER C 200 9.72 26.07 -17.25
N LYS C 201 8.70 26.91 -17.03
CA LYS C 201 8.85 28.33 -17.21
C LYS C 201 9.84 28.88 -16.18
N LEU C 202 10.84 29.60 -16.67
CA LEU C 202 11.90 30.07 -15.79
C LEU C 202 11.37 31.15 -14.85
N PRO C 203 11.76 31.13 -13.57
CA PRO C 203 11.46 32.25 -12.69
C PRO C 203 12.19 33.51 -13.13
N GLU C 204 11.64 34.66 -12.75
CA GLU C 204 12.11 35.93 -13.30
C GLU C 204 13.51 36.28 -12.82
N THR C 205 13.91 35.82 -11.63
CA THR C 205 15.23 36.07 -11.09
C THR C 205 16.14 34.84 -11.13
N TRP C 206 15.93 33.96 -12.12
CA TRP C 206 16.68 32.71 -12.15
C TRP C 206 18.18 32.94 -12.26
N GLU C 207 18.60 34.05 -12.88
CA GLU C 207 20.02 34.29 -13.07
C GLU C 207 20.76 34.50 -11.75
N ALA C 208 20.10 35.15 -10.78
CA ALA C 208 20.73 35.33 -9.47
C ALA C 208 20.98 33.98 -8.80
N ILE C 209 20.02 33.06 -8.88
CA ILE C 209 20.22 31.74 -8.29
C ILE C 209 21.25 30.96 -9.09
N ASP C 210 21.22 31.06 -10.41
CA ASP C 210 22.20 30.38 -11.24
C ASP C 210 23.60 30.84 -10.91
N GLU C 211 23.77 32.12 -10.58
CA GLU C 211 25.09 32.64 -10.19
C GLU C 211 25.61 31.91 -8.96
N VAL C 212 24.74 31.72 -7.95
CA VAL C 212 25.14 31.01 -6.74
C VAL C 212 25.44 29.55 -7.05
N ALA C 213 24.55 28.90 -7.80
CA ALA C 213 24.70 27.48 -8.08
C ALA C 213 25.97 27.19 -8.87
N GLN C 214 26.28 28.02 -9.86
CA GLN C 214 27.51 27.81 -10.63
C GLN C 214 28.75 27.96 -9.76
N ALA C 215 28.71 28.87 -8.78
CA ALA C 215 29.84 29.02 -7.87
C ALA C 215 30.11 27.75 -7.09
N GLY C 216 29.05 27.06 -6.66
CA GLY C 216 29.23 25.80 -5.96
C GLY C 216 29.80 24.72 -6.85
N ALA C 217 29.29 24.59 -8.07
CA ALA C 217 29.81 23.59 -9.00
C ALA C 217 31.26 23.90 -9.37
N GLU C 218 31.57 25.17 -9.61
CA GLU C 218 32.93 25.55 -9.96
C GLU C 218 33.92 25.22 -8.85
N ALA C 219 33.55 25.52 -7.60
CA ALA C 219 34.44 25.23 -6.48
C ALA C 219 34.68 23.73 -6.34
N ILE C 220 33.64 22.93 -6.57
CA ILE C 220 33.78 21.48 -6.50
C ILE C 220 34.71 20.98 -7.60
N LYS C 221 34.54 21.51 -8.82
CA LYS C 221 35.38 21.09 -9.93
C LYS C 221 36.84 21.44 -9.68
N GLN C 222 37.10 22.61 -9.09
CA GLN C 222 38.47 23.01 -8.79
C GLN C 222 39.06 22.23 -7.64
N SER C 223 38.23 21.67 -6.75
CA SER C 223 38.74 20.93 -5.61
C SER C 223 39.05 19.47 -5.96
N THR C 224 38.10 18.78 -6.59
CA THR C 224 38.23 17.36 -6.86
C THR C 224 38.07 16.97 -8.33
N GLY C 225 37.67 17.90 -9.20
CA GLY C 225 37.43 17.56 -10.59
C GLY C 225 36.07 17.01 -10.89
N SER C 226 35.24 16.77 -9.86
CA SER C 226 33.90 16.24 -10.07
C SER C 226 33.03 17.24 -10.79
N ARG C 227 32.22 16.76 -11.73
CA ARG C 227 31.30 17.61 -12.47
C ARG C 227 29.94 17.60 -11.81
N TYR C 228 29.31 18.78 -11.75
CA TYR C 228 27.94 18.94 -11.32
C TYR C 228 27.16 19.60 -12.45
N THR C 229 25.92 19.15 -12.65
CA THR C 229 25.02 19.79 -13.61
C THR C 229 24.17 20.83 -12.87
N VAL C 230 24.19 22.05 -13.37
CA VAL C 230 23.48 23.17 -12.76
C VAL C 230 22.35 23.60 -13.69
N GLY C 231 21.18 23.85 -13.11
CA GLY C 231 20.11 24.46 -13.88
C GLY C 231 18.81 24.46 -13.11
N SER C 232 17.79 25.02 -13.75
CA SER C 232 16.43 24.90 -13.25
C SER C 232 16.02 23.44 -13.23
N SER C 233 15.19 23.09 -12.24
CA SER C 233 14.91 21.67 -11.95
C SER C 233 14.48 20.89 -13.19
N THR C 234 13.54 21.44 -13.96
CA THR C 234 12.97 20.71 -15.09
C THR C 234 13.98 20.48 -16.21
N ASN C 235 15.12 21.17 -16.20
CA ASN C 235 16.20 20.81 -17.11
C ASN C 235 16.63 19.35 -16.91
N VAL C 236 16.59 18.87 -15.67
CA VAL C 236 17.13 17.57 -15.31
C VAL C 236 16.03 16.61 -14.85
N LEU C 237 15.09 17.07 -14.05
CA LEU C 237 14.06 16.23 -13.47
C LEU C 237 12.70 16.56 -14.06
N TYR C 238 11.84 15.55 -14.14
CA TYR C 238 10.48 15.78 -14.59
C TYR C 238 9.74 16.63 -13.57
N ALA C 239 8.84 17.47 -14.08
CA ALA C 239 8.16 18.45 -13.24
C ALA C 239 7.40 17.77 -12.10
N ALA C 240 7.53 18.35 -10.91
CA ALA C 240 6.84 17.84 -9.73
C ALA C 240 6.48 19.02 -8.83
N ALA C 241 5.25 19.05 -8.36
CA ALA C 241 4.79 20.11 -7.48
C ALA C 241 4.93 19.68 -6.01
N GLY C 242 5.09 20.67 -5.14
CA GLY C 242 5.14 20.44 -3.72
C GLY C 242 6.52 20.34 -3.11
N GLY C 243 7.57 20.62 -3.87
CA GLY C 243 8.91 20.57 -3.31
C GLY C 243 9.19 21.73 -2.38
N SER C 244 10.14 21.52 -1.46
CA SER C 244 10.44 22.53 -0.45
C SER C 244 11.11 23.76 -1.06
N ASP C 245 11.90 23.59 -2.13
CA ASP C 245 12.58 24.74 -2.71
C ASP C 245 11.59 25.68 -3.39
N ASP C 246 10.59 25.14 -4.08
CA ASP C 246 9.53 25.96 -4.65
C ASP C 246 8.85 26.78 -3.56
N TRP C 247 8.49 26.11 -2.45
CA TRP C 247 7.77 26.79 -1.38
C TRP C 247 8.62 27.86 -0.71
N ALA C 248 9.89 27.56 -0.45
CA ALA C 248 10.76 28.56 0.18
C ALA C 248 10.92 29.78 -0.72
N PHE C 249 11.06 29.55 -2.03
CA PHE C 249 11.22 30.63 -2.99
C PHE C 249 9.97 31.50 -3.06
N ALA C 250 8.80 30.87 -3.19
CA ALA C 250 7.58 31.60 -3.48
C ALA C 250 6.82 32.07 -2.25
N VAL C 251 6.75 31.24 -1.20
CA VAL C 251 5.96 31.57 -0.02
C VAL C 251 6.81 32.20 1.08
N ALA C 252 7.95 31.60 1.40
CA ALA C 252 8.86 32.21 2.36
C ALA C 252 9.67 33.34 1.75
N GLU C 253 9.60 33.51 0.43
CA GLU C 253 10.23 34.62 -0.29
C GLU C 253 11.74 34.67 -0.08
N VAL C 254 12.39 33.50 -0.14
CA VAL C 254 13.83 33.40 -0.02
C VAL C 254 14.43 33.58 -1.43
N PRO C 255 15.24 34.60 -1.67
CA PRO C 255 15.67 34.88 -3.05
C PRO C 255 16.51 33.78 -3.67
N ILE C 256 17.32 33.08 -2.87
CA ILE C 256 18.16 32.00 -3.36
C ILE C 256 17.63 30.70 -2.77
N SER C 257 17.13 29.82 -3.62
CA SER C 257 16.52 28.56 -3.20
C SER C 257 17.06 27.46 -4.10
N ILE C 258 17.76 26.50 -3.49
CA ILE C 258 18.51 25.49 -4.23
C ILE C 258 18.28 24.12 -3.62
N THR C 259 18.14 23.12 -4.48
CA THR C 259 18.18 21.72 -4.08
C THR C 259 19.44 21.09 -4.65
N MET C 260 20.22 20.45 -3.79
CA MET C 260 21.48 19.80 -4.18
C MET C 260 21.29 18.30 -4.14
N GLU C 261 21.55 17.63 -5.25
CA GLU C 261 21.56 16.18 -5.33
C GLU C 261 23.00 15.71 -5.19
N LEU C 262 23.31 15.09 -4.05
CA LEU C 262 24.68 14.79 -3.67
C LEU C 262 25.18 13.54 -4.40
N PRO C 263 26.49 13.30 -4.40
CA PRO C 263 27.03 12.18 -5.18
C PRO C 263 26.53 10.83 -4.69
N GLY C 264 26.37 9.91 -5.64
CA GLY C 264 25.97 8.56 -5.32
C GLY C 264 27.16 7.65 -5.04
N GLY C 265 26.86 6.51 -4.46
CA GLY C 265 27.88 5.52 -4.13
C GLY C 265 27.20 4.24 -3.70
N GLY C 266 27.98 3.17 -3.66
CA GLY C 266 27.44 1.86 -3.32
C GLY C 266 26.62 1.29 -4.46
N ASN C 267 26.08 0.11 -4.21
CA ASN C 267 25.29 -0.58 -5.24
C ASN C 267 24.00 0.15 -5.58
N GLY C 268 23.49 1.00 -4.69
CA GLY C 268 22.23 1.68 -4.92
C GLY C 268 22.32 3.17 -5.17
N GLY C 269 23.52 3.73 -5.11
CA GLY C 269 23.64 5.18 -5.19
C GLY C 269 23.31 5.88 -3.89
N PHE C 270 22.19 5.51 -3.26
CA PHE C 270 21.80 6.08 -1.98
C PHE C 270 22.72 5.66 -0.85
N ASN C 271 23.48 4.60 -1.02
CA ASN C 271 24.21 3.96 0.08
C ASN C 271 25.70 3.85 -0.27
N PRO C 272 26.42 4.96 -0.32
CA PRO C 272 27.87 4.88 -0.35
C PRO C 272 28.37 4.16 0.89
N PRO C 273 29.41 3.34 0.77
CA PRO C 273 29.94 2.69 1.96
C PRO C 273 30.44 3.73 2.96
N PRO C 274 30.43 3.39 4.25
CA PRO C 274 30.89 4.36 5.26
C PRO C 274 32.29 4.87 5.02
N SER C 275 33.17 4.04 4.46
CA SER C 275 34.53 4.50 4.17
C SER C 275 34.55 5.64 3.16
N SER C 276 33.53 5.74 2.32
CA SER C 276 33.45 6.77 1.30
C SER C 276 32.78 8.06 1.79
N ILE C 277 32.26 8.07 3.03
CA ILE C 277 31.53 9.24 3.51
C ILE C 277 32.42 10.47 3.53
N GLU C 278 33.64 10.33 4.06
CA GLU C 278 34.49 11.48 4.31
C GLU C 278 34.77 12.25 3.03
N LYS C 279 35.12 11.55 1.96
CA LYS C 279 35.45 12.25 0.72
C LYS C 279 34.22 12.92 0.12
N ILE C 280 33.04 12.30 0.25
CA ILE C 280 31.83 12.88 -0.32
C ILE C 280 31.42 14.13 0.45
N VAL C 281 31.41 14.06 1.79
CA VAL C 281 30.97 15.21 2.56
C VAL C 281 32.01 16.34 2.50
N ASN C 282 33.30 15.99 2.42
CA ASN C 282 34.33 17.00 2.25
C ASN C 282 34.14 17.77 0.95
N GLU C 283 33.97 17.04 -0.16
CA GLU C 283 33.74 17.68 -1.45
C GLU C 283 32.45 18.48 -1.46
N SER C 284 31.39 17.92 -0.88
CA SER C 284 30.10 18.61 -0.85
C SER C 284 30.19 19.92 -0.09
N TRP C 285 30.90 19.93 1.05
CA TRP C 285 31.05 21.14 1.82
C TRP C 285 31.78 22.22 1.03
N VAL C 286 32.71 21.83 0.16
CA VAL C 286 33.39 22.81 -0.69
C VAL C 286 32.38 23.57 -1.54
N GLY C 287 31.46 22.84 -2.18
CA GLY C 287 30.43 23.50 -2.96
C GLY C 287 29.46 24.32 -2.11
N ILE C 288 29.04 23.76 -0.97
CA ILE C 288 28.08 24.44 -0.11
C ILE C 288 28.68 25.73 0.43
N LYS C 289 29.94 25.67 0.89
CA LYS C 289 30.61 26.87 1.40
C LYS C 289 30.74 27.93 0.32
N ALA C 290 31.06 27.51 -0.91
CA ALA C 290 31.21 28.47 -2.00
C ALA C 290 29.89 29.16 -2.35
N MET C 291 28.77 28.43 -2.29
CA MET C 291 27.49 29.06 -2.54
C MET C 291 27.12 30.03 -1.42
N ALA C 292 27.38 29.66 -0.17
CA ALA C 292 27.10 30.56 0.94
C ALA C 292 27.94 31.82 0.85
N LEU C 293 29.21 31.69 0.48
CA LEU C 293 30.08 32.85 0.33
C LEU C 293 29.54 33.80 -0.72
N LYS C 294 29.11 33.26 -1.87
CA LYS C 294 28.49 34.10 -2.89
C LYS C 294 27.27 34.82 -2.33
N VAL C 295 26.43 34.10 -1.57
CA VAL C 295 25.28 34.73 -0.93
C VAL C 295 25.73 35.82 0.04
N ALA C 296 26.78 35.53 0.83
CA ALA C 296 27.31 36.52 1.75
C ALA C 296 27.78 37.77 1.02
N GLN C 297 28.29 37.62 -0.20
CA GLN C 297 28.74 38.75 -0.99
C GLN C 297 27.58 39.52 -1.62
N MET C 298 26.44 38.85 -1.86
CA MET C 298 25.29 39.50 -2.46
C MET C 298 24.39 40.23 -1.45
N PHE C 299 24.43 39.84 -0.18
CA PHE C 299 23.56 40.46 0.82
C PHE C 299 24.37 41.04 1.98
N ASP D 1 -26.71 -21.92 19.79
CA ASP D 1 -25.75 -21.39 20.77
C ASP D 1 -24.58 -20.66 20.11
N VAL D 2 -24.27 -21.05 18.87
CA VAL D 2 -23.26 -20.34 18.10
C VAL D 2 -23.82 -19.15 17.33
N SER D 3 -25.14 -18.94 17.39
CA SER D 3 -25.81 -17.92 16.61
C SER D 3 -26.17 -16.67 17.41
N THR D 4 -25.52 -16.44 18.57
CA THR D 4 -25.80 -15.25 19.38
C THR D 4 -24.72 -14.19 19.26
N SER D 5 -23.56 -14.54 18.73
CA SER D 5 -22.46 -13.60 18.64
C SER D 5 -21.48 -14.09 17.59
N TYR D 6 -20.67 -13.18 17.10
CA TYR D 6 -19.60 -13.52 16.17
C TYR D 6 -18.42 -14.08 16.97
N LEU D 7 -18.03 -15.31 16.66
CA LEU D 7 -16.98 -15.99 17.41
C LEU D 7 -15.60 -15.61 16.86
N ARG D 8 -14.64 -15.52 17.77
CA ARG D 8 -13.25 -15.34 17.36
C ARG D 8 -12.69 -16.67 16.84
N HIS D 9 -11.57 -16.59 16.12
CA HIS D 9 -11.01 -17.79 15.50
C HIS D 9 -10.63 -18.83 16.55
N ASN D 10 -10.05 -18.40 17.67
CA ASN D 10 -9.68 -19.35 18.71
C ASN D 10 -10.92 -20.00 19.31
N GLU D 11 -12.01 -19.25 19.46
CA GLU D 11 -13.26 -19.81 19.94
C GLU D 11 -13.85 -20.82 18.95
N ILE D 12 -13.70 -20.54 17.65
CA ILE D 12 -14.21 -21.47 16.63
C ILE D 12 -13.46 -22.80 16.71
N ASN D 13 -12.13 -22.73 16.82
CA ASN D 13 -11.33 -23.96 16.90
C ASN D 13 -11.60 -24.70 18.20
N GLU D 14 -11.80 -23.97 19.30
CA GLU D 14 -12.17 -24.61 20.57
C GLU D 14 -13.51 -25.32 20.44
N TYR D 15 -14.47 -24.71 19.73
CA TYR D 15 -15.76 -25.35 19.50
C TYR D 15 -15.60 -26.63 18.69
N LEU D 16 -14.78 -26.59 17.63
CA LEU D 16 -14.55 -27.78 16.84
C LEU D 16 -13.89 -28.88 17.68
N GLN D 17 -12.92 -28.53 18.52
CA GLN D 17 -12.27 -29.53 19.36
C GLN D 17 -13.25 -30.17 20.33
N THR D 18 -14.16 -29.37 20.90
CA THR D 18 -15.16 -29.94 21.81
C THR D 18 -16.04 -30.95 21.10
N LEU D 19 -16.46 -30.64 19.87
CA LEU D 19 -17.30 -31.58 19.12
C LEU D 19 -16.54 -32.87 18.82
N SER D 20 -15.25 -32.76 18.49
CA SER D 20 -14.48 -33.96 18.17
C SER D 20 -14.35 -34.89 19.38
N GLN D 21 -14.34 -34.33 20.59
CA GLN D 21 -14.30 -35.16 21.79
C GLN D 21 -15.69 -35.68 22.16
N LYS D 22 -16.73 -34.88 21.93
CA LYS D 22 -18.08 -35.27 22.32
C LYS D 22 -18.70 -36.25 21.34
N TYR D 23 -18.37 -36.17 20.05
CA TYR D 23 -18.99 -37.01 19.02
C TYR D 23 -17.93 -37.71 18.18
N PRO D 24 -17.08 -38.55 18.79
CA PRO D 24 -15.96 -39.14 18.05
C PRO D 24 -16.37 -40.12 16.96
N SER D 25 -17.57 -40.70 17.03
CA SER D 25 -18.00 -41.61 15.99
C SER D 25 -18.51 -40.88 14.75
N LEU D 26 -18.93 -39.63 14.90
CA LEU D 26 -19.51 -38.86 13.81
C LEU D 26 -18.56 -37.83 13.22
N VAL D 27 -17.56 -37.40 13.98
CA VAL D 27 -16.82 -36.18 13.70
C VAL D 27 -15.33 -36.45 13.81
N SER D 28 -14.55 -35.86 12.89
CA SER D 28 -13.11 -35.77 13.05
C SER D 28 -12.67 -34.37 12.68
N VAL D 29 -11.76 -33.81 13.49
CA VAL D 29 -11.24 -32.47 13.28
C VAL D 29 -9.75 -32.59 12.98
N GLU D 30 -9.29 -31.89 11.93
CA GLU D 30 -7.88 -31.93 11.58
C GLU D 30 -7.43 -30.56 11.10
N GLU D 31 -6.13 -30.37 11.09
CA GLU D 31 -5.51 -29.14 10.61
C GLU D 31 -5.25 -29.24 9.12
N ALA D 32 -5.87 -28.35 8.34
CA ALA D 32 -5.62 -28.30 6.92
C ALA D 32 -4.40 -27.47 6.56
N GLY D 33 -4.01 -26.54 7.41
CA GLY D 33 -2.84 -25.73 7.15
C GLY D 33 -2.66 -24.71 8.26
N THR D 34 -1.64 -23.88 8.10
CA THR D 34 -1.29 -22.84 9.05
C THR D 34 -1.30 -21.49 8.34
N SER D 35 -1.96 -20.52 8.94
CA SER D 35 -2.03 -19.18 8.35
C SER D 35 -0.65 -18.54 8.36
N TYR D 36 -0.53 -17.41 7.65
CA TYR D 36 0.75 -16.70 7.60
C TYR D 36 1.22 -16.30 8.99
N GLU D 37 0.31 -15.83 9.84
CA GLU D 37 0.68 -15.39 11.19
C GLU D 37 0.72 -16.55 12.18
N GLY D 38 0.52 -17.78 11.73
CA GLY D 38 0.71 -18.94 12.58
C GLY D 38 -0.53 -19.55 13.20
N ARG D 39 -1.71 -19.25 12.67
CA ARG D 39 -2.95 -19.78 13.22
C ARG D 39 -3.33 -21.08 12.51
N SER D 40 -3.91 -22.01 13.26
CA SER D 40 -4.27 -23.31 12.74
C SER D 40 -5.58 -23.23 11.97
N ILE D 41 -5.54 -23.55 10.68
CA ILE D 41 -6.73 -23.56 9.84
C ILE D 41 -7.31 -24.97 9.86
N LYS D 42 -8.41 -25.16 10.57
CA LYS D 42 -8.96 -26.48 10.80
C LYS D 42 -10.20 -26.73 9.96
N THR D 43 -10.45 -28.01 9.69
CA THR D 43 -11.70 -28.49 9.13
C THR D 43 -12.36 -29.46 10.11
N ILE D 44 -13.67 -29.60 9.99
CA ILE D 44 -14.40 -30.65 10.69
C ILE D 44 -15.05 -31.54 9.64
N THR D 45 -14.80 -32.85 9.77
CA THR D 45 -15.40 -33.84 8.90
C THR D 45 -16.52 -34.54 9.65
N ILE D 46 -17.71 -34.57 9.05
CA ILE D 46 -18.91 -35.11 9.69
C ILE D 46 -19.38 -36.29 8.86
N ASN D 47 -19.60 -37.43 9.51
CA ASN D 47 -20.01 -38.68 8.86
C ASN D 47 -18.99 -39.29 7.91
N LYS D 48 -17.87 -39.81 8.42
CA LYS D 48 -16.93 -40.56 7.59
C LYS D 48 -17.36 -41.99 7.30
N LYS D 49 -18.49 -42.15 6.65
CA LYS D 49 -18.74 -43.44 6.02
C LYS D 49 -17.81 -43.52 4.82
N PRO D 50 -16.98 -44.55 4.71
CA PRO D 50 -16.07 -44.62 3.57
C PRO D 50 -16.84 -44.68 2.25
N GLY D 51 -16.34 -43.94 1.27
CA GLY D 51 -16.96 -43.93 -0.04
C GLY D 51 -18.09 -42.95 -0.24
N ASN D 52 -18.47 -42.19 0.79
CA ASN D 52 -19.56 -41.24 0.67
C ASN D 52 -19.19 -40.11 -0.28
N ALA D 53 -20.19 -39.57 -0.97
CA ALA D 53 -20.01 -38.28 -1.63
C ALA D 53 -19.81 -37.21 -0.57
N VAL D 54 -18.97 -36.24 -0.88
CA VAL D 54 -18.54 -35.24 0.09
C VAL D 54 -18.99 -33.86 -0.36
N VAL D 55 -19.56 -33.10 0.57
CA VAL D 55 -19.77 -31.67 0.42
C VAL D 55 -18.63 -30.96 1.12
N PHE D 56 -17.87 -30.14 0.40
CA PHE D 56 -16.85 -29.29 1.00
C PHE D 56 -17.40 -27.87 1.06
N LEU D 57 -17.48 -27.33 2.27
CA LEU D 57 -18.01 -25.99 2.51
C LEU D 57 -16.96 -25.17 3.24
N ASP D 58 -16.62 -24.01 2.68
CA ASP D 58 -15.71 -23.09 3.36
C ASP D 58 -16.34 -21.70 3.45
N ALA D 59 -15.72 -20.87 4.27
CA ALA D 59 -16.24 -19.53 4.54
C ALA D 59 -15.10 -18.68 5.08
N GLY D 60 -15.30 -17.37 5.01
CA GLY D 60 -14.36 -16.44 5.62
C GLY D 60 -13.04 -16.30 4.91
N ILE D 61 -13.01 -16.48 3.59
CA ILE D 61 -11.78 -16.14 2.87
C ILE D 61 -11.60 -14.62 2.85
N HIS D 62 -12.70 -13.88 2.83
CA HIS D 62 -12.66 -12.42 2.88
C HIS D 62 -13.01 -12.00 4.30
N ALA D 63 -12.10 -11.24 4.93
CA ALA D 63 -12.12 -11.07 6.39
C ALA D 63 -13.43 -10.45 6.88
N ARG D 64 -13.93 -9.42 6.21
CA ARG D 64 -15.04 -8.65 6.75
C ARG D 64 -16.39 -9.34 6.60
N GLU D 65 -16.46 -10.47 5.90
CA GLU D 65 -17.72 -11.13 5.57
C GLU D 65 -18.12 -12.06 6.72
N TRP D 66 -18.41 -11.45 7.87
CA TRP D 66 -18.53 -12.20 9.13
C TRP D 66 -19.71 -13.17 9.11
N ILE D 67 -20.75 -12.89 8.34
CA ILE D 67 -21.92 -13.76 8.37
C ILE D 67 -21.64 -15.11 7.73
N ALA D 68 -20.58 -15.21 6.92
CA ALA D 68 -20.27 -16.49 6.28
C ALA D 68 -19.71 -17.49 7.27
N PRO D 69 -18.68 -17.18 8.07
CA PRO D 69 -18.28 -18.13 9.13
C PRO D 69 -19.42 -18.44 10.09
N ALA D 70 -20.26 -17.47 10.41
CA ALA D 70 -21.38 -17.72 11.30
C ALA D 70 -22.33 -18.76 10.72
N THR D 71 -22.60 -18.67 9.41
CA THR D 71 -23.44 -19.66 8.76
C THR D 71 -22.78 -21.04 8.75
N ALA D 72 -21.48 -21.09 8.46
CA ALA D 72 -20.77 -22.37 8.48
C ALA D 72 -20.83 -23.01 9.87
N LEU D 73 -20.64 -22.20 10.92
CA LEU D 73 -20.73 -22.72 12.28
C LEU D 73 -22.14 -23.22 12.59
N TYR D 74 -23.16 -22.50 12.13
CA TYR D 74 -24.54 -22.94 12.34
C TYR D 74 -24.80 -24.27 11.64
N ALA D 75 -24.27 -24.43 10.43
CA ALA D 75 -24.40 -25.71 9.74
C ALA D 75 -23.75 -26.83 10.54
N ILE D 76 -22.57 -26.57 11.09
CA ILE D 76 -21.88 -27.56 11.93
C ILE D 76 -22.73 -27.91 13.14
N GLU D 77 -23.31 -26.88 13.79
CA GLU D 77 -24.11 -27.13 14.98
C GLU D 77 -25.34 -27.98 14.65
N GLN D 78 -26.01 -27.69 13.53
CA GLN D 78 -27.18 -28.47 13.15
C GLN D 78 -26.81 -29.91 12.83
N LEU D 79 -25.78 -30.10 12.01
CA LEU D 79 -25.43 -31.44 11.56
C LEU D 79 -24.91 -32.31 12.71
N VAL D 80 -24.16 -31.72 13.64
CA VAL D 80 -23.50 -32.52 14.67
C VAL D 80 -24.34 -32.59 15.95
N GLU D 81 -24.79 -31.45 16.45
CA GLU D 81 -25.53 -31.43 17.70
C GLU D 81 -27.02 -31.69 17.53
N HIS D 82 -27.52 -31.66 16.29
CA HIS D 82 -28.92 -31.97 16.01
C HIS D 82 -29.02 -32.94 14.84
N SER D 83 -28.17 -33.97 14.85
CA SER D 83 -28.09 -34.88 13.71
C SER D 83 -29.40 -35.60 13.45
N SER D 84 -30.21 -35.85 14.50
CA SER D 84 -31.46 -36.56 14.30
C SER D 84 -32.46 -35.76 13.49
N GLU D 85 -32.28 -34.44 13.39
CA GLU D 85 -33.11 -33.61 12.54
C GLU D 85 -32.56 -33.45 11.13
N ASN D 86 -31.46 -34.14 10.81
CA ASN D 86 -30.75 -33.88 9.57
C ASN D 86 -30.30 -35.18 8.90
N GLN D 87 -31.05 -36.26 9.11
CA GLN D 87 -30.64 -37.56 8.58
C GLN D 87 -30.65 -37.58 7.06
N GLU D 88 -31.50 -36.77 6.43
CA GLU D 88 -31.58 -36.79 4.96
C GLU D 88 -30.27 -36.32 4.32
N VAL D 89 -29.49 -35.51 5.02
CA VAL D 89 -28.20 -35.06 4.49
C VAL D 89 -27.07 -35.65 5.33
N LEU D 90 -27.33 -36.80 5.96
CA LEU D 90 -26.30 -37.46 6.75
C LEU D 90 -26.23 -38.97 6.54
N SER D 91 -26.95 -39.53 5.56
CA SER D 91 -26.86 -40.97 5.28
C SER D 91 -25.70 -41.27 4.33
N ASN D 92 -25.82 -40.82 3.08
CA ASN D 92 -24.78 -41.05 2.08
C ASN D 92 -23.95 -39.80 1.83
N LEU D 93 -24.14 -38.76 2.64
CA LEU D 93 -23.44 -37.49 2.47
C LEU D 93 -22.47 -37.30 3.63
N THR D 94 -21.23 -36.98 3.30
CA THR D 94 -20.23 -36.56 4.26
C THR D 94 -19.98 -35.06 4.07
N TRP D 95 -19.77 -34.34 5.17
CA TRP D 95 -19.50 -32.92 5.13
C TRP D 95 -18.08 -32.66 5.62
N VAL D 96 -17.33 -31.87 4.88
CA VAL D 96 -16.06 -31.30 5.34
C VAL D 96 -16.21 -29.80 5.32
N ILE D 97 -16.13 -29.17 6.49
CA ILE D 97 -16.44 -27.76 6.64
C ILE D 97 -15.22 -27.03 7.16
N MET D 98 -14.80 -25.98 6.45
CA MET D 98 -13.71 -25.09 6.83
C MET D 98 -14.31 -23.74 7.20
N PRO D 99 -14.66 -23.51 8.47
CA PRO D 99 -15.44 -22.31 8.80
C PRO D 99 -14.69 -21.00 8.63
N VAL D 100 -13.35 -20.99 8.70
CA VAL D 100 -12.57 -19.77 8.50
C VAL D 100 -11.37 -20.11 7.64
N VAL D 101 -11.33 -19.60 6.42
CA VAL D 101 -10.19 -19.80 5.53
C VAL D 101 -9.06 -18.83 5.86
N ASN D 102 -9.39 -17.62 6.30
CA ASN D 102 -8.44 -16.51 6.42
C ASN D 102 -8.51 -15.97 7.85
N PRO D 103 -8.02 -16.75 8.83
CA PRO D 103 -8.14 -16.29 10.22
C PRO D 103 -7.33 -15.05 10.53
N ASP D 104 -6.20 -14.83 9.85
CA ASP D 104 -5.40 -13.62 10.12
C ASP D 104 -6.19 -12.38 9.76
N GLY D 105 -6.74 -12.33 8.55
CA GLY D 105 -7.58 -11.20 8.18
C GLY D 105 -8.82 -11.10 9.04
N TYR D 106 -9.46 -12.25 9.33
CA TYR D 106 -10.65 -12.25 10.16
C TYR D 106 -10.37 -11.65 11.53
N GLU D 107 -9.27 -12.08 12.17
CA GLU D 107 -8.92 -11.52 13.47
C GLU D 107 -8.56 -10.05 13.35
N PHE D 108 -7.86 -9.66 12.27
CA PHE D 108 -7.54 -8.24 12.06
C PHE D 108 -8.81 -7.40 11.95
N SER D 109 -9.87 -7.95 11.35
CA SER D 109 -11.11 -7.20 11.26
C SER D 109 -11.83 -7.09 12.61
N HIS D 110 -11.57 -8.03 13.52
CA HIS D 110 -12.12 -7.92 14.87
C HIS D 110 -11.34 -6.90 15.70
N GLU D 111 -10.01 -6.88 15.56
CA GLU D 111 -9.18 -6.04 16.42
C GLU D 111 -8.99 -4.62 15.88
N THR D 112 -8.82 -4.47 14.57
CA THR D 112 -8.31 -3.19 14.10
C THR D 112 -9.13 -2.53 12.99
N ASP D 113 -9.57 -3.28 11.99
CA ASP D 113 -10.17 -2.70 10.78
C ASP D 113 -11.34 -3.59 10.37
N ARG D 114 -12.55 -3.17 10.74
CA ARG D 114 -13.74 -3.98 10.51
C ARG D 114 -13.94 -4.32 9.04
N PHE D 115 -13.42 -3.51 8.13
CA PHE D 115 -13.68 -3.71 6.71
C PHE D 115 -12.46 -4.21 5.95
N TRP D 116 -11.48 -4.79 6.64
CA TRP D 116 -10.40 -5.49 5.96
C TRP D 116 -10.94 -6.70 5.20
N ARG D 117 -10.32 -7.01 4.07
CA ARG D 117 -10.81 -8.06 3.18
C ARG D 117 -9.80 -9.17 2.93
N LYS D 118 -8.54 -8.84 2.71
CA LYS D 118 -7.56 -9.78 2.19
C LYS D 118 -6.93 -10.59 3.33
N THR D 119 -5.87 -11.33 3.00
CA THR D 119 -5.00 -11.93 4.01
C THR D 119 -4.17 -10.81 4.63
N ARG D 120 -3.18 -11.18 5.45
CA ARG D 120 -2.31 -10.19 6.09
C ARG D 120 -0.84 -10.36 5.76
N LYS D 121 -0.48 -11.29 4.88
CA LYS D 121 0.93 -11.46 4.52
C LYS D 121 1.43 -10.26 3.70
N PRO D 122 2.54 -9.63 4.10
CA PRO D 122 3.04 -8.47 3.36
C PRO D 122 3.38 -8.82 1.91
N THR D 123 3.10 -7.89 1.01
CA THR D 123 3.28 -8.09 -0.42
C THR D 123 4.34 -7.17 -1.02
N GLY D 124 5.15 -6.53 -0.20
CA GLY D 124 6.12 -5.61 -0.75
C GLY D 124 6.46 -4.52 0.25
N LYS D 125 6.72 -3.33 -0.28
CA LYS D 125 7.27 -2.25 0.52
C LYS D 125 6.22 -1.53 1.37
N SER D 126 4.96 -1.55 0.95
CA SER D 126 3.99 -0.68 1.59
C SER D 126 2.74 -1.37 2.11
N CYS D 127 2.36 -2.51 1.55
CA CYS D 127 1.01 -3.02 1.79
C CYS D 127 1.03 -4.48 2.19
N LYS D 128 -0.13 -4.94 2.64
CA LYS D 128 -0.32 -6.28 3.16
C LYS D 128 -1.53 -6.92 2.52
N GLY D 129 -1.42 -8.20 2.22
CA GLY D 129 -2.62 -8.97 1.96
C GLY D 129 -2.80 -9.29 0.49
N THR D 130 -3.36 -10.47 0.25
CA THR D 130 -3.73 -10.94 -1.08
C THR D 130 -5.20 -11.29 -1.07
N ASP D 131 -5.90 -11.01 -2.16
CA ASP D 131 -7.28 -11.46 -2.30
C ASP D 131 -7.26 -12.98 -2.50
N GLY D 132 -7.62 -13.72 -1.45
CA GLY D 132 -7.59 -15.17 -1.55
C GLY D 132 -8.47 -15.70 -2.67
N ASN D 133 -9.57 -15.03 -2.95
CA ASN D 133 -10.45 -15.48 -4.02
C ASN D 133 -10.03 -14.98 -5.40
N ARG D 134 -8.82 -14.45 -5.52
CA ARG D 134 -8.16 -14.24 -6.82
C ARG D 134 -6.86 -15.02 -6.90
N ASN D 135 -6.65 -15.97 -5.99
CA ASN D 135 -5.36 -16.59 -5.78
C ASN D 135 -5.31 -18.06 -6.20
N PHE D 136 -6.42 -18.62 -6.67
CA PHE D 136 -6.45 -20.03 -7.08
C PHE D 136 -5.93 -20.17 -8.50
N ASP D 137 -5.20 -21.27 -8.75
CA ASP D 137 -4.45 -21.45 -9.99
C ASP D 137 -5.34 -22.05 -11.08
N TYR D 138 -6.29 -21.24 -11.55
CA TYR D 138 -7.08 -21.61 -12.72
C TYR D 138 -7.41 -20.33 -13.47
N HIS D 139 -6.83 -20.18 -14.66
CA HIS D 139 -6.87 -18.92 -15.41
C HIS D 139 -6.39 -17.76 -14.55
N TRP D 140 -5.42 -18.03 -13.67
CA TRP D 140 -5.00 -17.08 -12.66
C TRP D 140 -4.51 -15.78 -13.28
N GLY D 141 -4.98 -14.66 -12.72
CA GLY D 141 -4.52 -13.34 -13.10
C GLY D 141 -5.01 -12.81 -14.43
N GLU D 142 -5.95 -13.50 -15.09
CA GLU D 142 -6.27 -13.16 -16.47
C GLU D 142 -7.30 -12.06 -16.61
N VAL D 143 -8.19 -11.88 -15.63
CA VAL D 143 -9.22 -10.85 -15.73
C VAL D 143 -9.72 -10.54 -14.33
N GLY D 144 -10.07 -9.29 -14.09
CA GLY D 144 -10.72 -8.91 -12.85
C GLY D 144 -9.88 -9.12 -11.61
N ALA D 145 -8.57 -9.28 -11.76
CA ALA D 145 -7.67 -9.43 -10.64
C ALA D 145 -6.52 -8.44 -10.80
N SER D 146 -6.31 -7.61 -9.79
CA SER D 146 -5.34 -6.55 -9.89
C SER D 146 -3.93 -7.09 -9.74
N THR D 147 -3.00 -6.52 -10.51
CA THR D 147 -1.59 -6.80 -10.34
C THR D 147 -0.96 -5.93 -9.26
N GLN D 148 -1.72 -5.00 -8.70
CA GLN D 148 -1.20 -4.05 -7.72
C GLN D 148 -1.28 -4.62 -6.31
N ALA D 149 -0.16 -4.58 -5.60
CA ALA D 149 -0.08 -5.17 -4.27
C ALA D 149 -1.09 -4.58 -3.30
N CYS D 150 -1.43 -3.31 -3.46
CA CYS D 150 -2.29 -2.61 -2.51
C CYS D 150 -3.78 -2.67 -2.87
N ALA D 151 -4.12 -3.24 -4.01
CA ALA D 151 -5.53 -3.35 -4.39
C ALA D 151 -6.22 -4.44 -3.59
N ASP D 152 -7.50 -4.24 -3.31
CA ASP D 152 -8.24 -5.24 -2.55
C ASP D 152 -8.52 -6.50 -3.36
N THR D 153 -8.32 -6.47 -4.68
CA THR D 153 -8.42 -7.65 -5.52
C THR D 153 -7.05 -8.17 -5.96
N PHE D 154 -5.99 -7.84 -5.21
CA PHE D 154 -4.64 -8.26 -5.61
C PHE D 154 -4.57 -9.77 -5.74
N ARG D 155 -4.03 -10.23 -6.86
CA ARG D 155 -4.02 -11.65 -7.20
C ARG D 155 -2.96 -12.44 -6.46
N GLY D 156 -2.03 -11.78 -5.79
CA GLY D 156 -0.93 -12.46 -5.14
C GLY D 156 0.33 -12.42 -5.98
N GLU D 157 1.47 -12.69 -5.31
CA GLU D 157 2.74 -12.75 -6.02
C GLU D 157 2.72 -13.84 -7.08
N THR D 158 2.12 -14.98 -6.74
CA THR D 158 1.88 -16.08 -7.65
C THR D 158 0.54 -16.68 -7.28
N ALA D 159 0.04 -17.58 -8.12
CA ALA D 159 -1.09 -18.39 -7.72
C ALA D 159 -0.72 -19.22 -6.50
N PHE D 160 -1.67 -19.38 -5.57
CA PHE D 160 -1.44 -20.13 -4.34
C PHE D 160 -0.23 -19.60 -3.57
N SER D 161 -0.04 -18.28 -3.60
CA SER D 161 0.99 -17.65 -2.79
C SER D 161 0.63 -17.61 -1.32
N GLU D 162 -0.66 -17.76 -0.98
CA GLU D 162 -1.11 -17.66 0.41
C GLU D 162 -1.25 -19.05 1.01
N PRO D 163 -0.71 -19.29 2.21
CA PRO D 163 -0.93 -20.59 2.85
C PRO D 163 -2.40 -20.87 3.08
N GLU D 164 -3.22 -19.83 3.20
CA GLU D 164 -4.66 -20.01 3.41
C GLU D 164 -5.32 -20.67 2.21
N THR D 165 -4.97 -20.23 0.99
CA THR D 165 -5.56 -20.83 -0.20
C THR D 165 -4.93 -22.18 -0.50
N ARG D 166 -3.65 -22.37 -0.17
CA ARG D 166 -3.06 -23.71 -0.24
C ARG D 166 -3.76 -24.66 0.71
N ALA D 167 -4.20 -24.16 1.87
CA ALA D 167 -4.95 -25.00 2.80
C ALA D 167 -6.26 -25.49 2.19
N VAL D 168 -6.98 -24.60 1.50
CA VAL D 168 -8.20 -25.01 0.80
C VAL D 168 -7.86 -26.04 -0.27
N ARG D 169 -6.83 -25.76 -1.07
CA ARG D 169 -6.43 -26.66 -2.13
C ARG D 169 -6.07 -28.04 -1.60
N ASP D 170 -5.22 -28.09 -0.56
CA ASP D 170 -4.82 -29.38 0.00
C ASP D 170 -6.02 -30.13 0.59
N ALA D 171 -6.89 -29.42 1.31
CA ALA D 171 -8.03 -30.07 1.94
C ALA D 171 -8.97 -30.70 0.90
N VAL D 172 -9.25 -29.97 -0.19
CA VAL D 172 -10.13 -30.51 -1.21
C VAL D 172 -9.46 -31.66 -1.95
N MET D 173 -8.19 -31.49 -2.33
CA MET D 173 -7.48 -32.53 -3.07
C MET D 173 -7.32 -33.80 -2.26
N LYS D 174 -7.19 -33.69 -0.93
CA LYS D 174 -7.08 -34.88 -0.09
C LYS D 174 -8.31 -35.77 -0.19
N LEU D 175 -9.45 -35.21 -0.60
CA LEU D 175 -10.67 -36.01 -0.72
C LEU D 175 -10.59 -36.99 -1.88
N LYS D 176 -9.61 -36.84 -2.76
CA LYS D 176 -9.26 -37.82 -3.79
C LYS D 176 -10.48 -38.24 -4.62
N GLY D 177 -11.16 -37.25 -5.19
CA GLY D 177 -12.26 -37.50 -6.10
C GLY D 177 -13.61 -37.70 -5.44
N SER D 178 -13.68 -37.75 -4.12
CA SER D 178 -14.95 -38.00 -3.45
C SER D 178 -15.79 -36.75 -3.28
N CYS D 179 -15.24 -35.57 -3.55
CA CYS D 179 -15.99 -34.33 -3.39
C CYS D 179 -16.91 -34.12 -4.58
N LYS D 180 -18.21 -34.12 -4.33
CA LYS D 180 -19.20 -33.91 -5.37
C LYS D 180 -19.83 -32.53 -5.33
N PHE D 181 -19.66 -31.80 -4.21
CA PHE D 181 -20.27 -30.49 -4.02
C PHE D 181 -19.27 -29.60 -3.32
N TYR D 182 -18.82 -28.55 -3.99
CA TYR D 182 -18.00 -27.52 -3.37
C TYR D 182 -18.86 -26.27 -3.18
N LEU D 183 -18.88 -25.75 -1.96
CA LEU D 183 -19.72 -24.61 -1.60
C LEU D 183 -18.88 -23.60 -0.84
N SER D 184 -18.79 -22.38 -1.36
CA SER D 184 -18.01 -21.30 -0.75
C SER D 184 -18.96 -20.17 -0.33
N LEU D 185 -18.94 -19.84 0.96
CA LEU D 185 -19.86 -18.84 1.52
C LEU D 185 -19.17 -17.48 1.58
N HIS D 186 -19.86 -16.47 1.05
CA HIS D 186 -19.42 -15.08 1.06
C HIS D 186 -20.59 -14.19 1.49
N SER D 187 -20.34 -12.88 1.47
CA SER D 187 -21.39 -11.88 1.69
C SER D 187 -20.94 -10.59 1.00
N TYR D 188 -21.90 -9.75 0.59
CA TYR D 188 -23.34 -9.97 0.74
C TYR D 188 -24.05 -9.77 -0.60
N GLY D 189 -25.35 -10.06 -0.66
CA GLY D 189 -26.11 -9.76 -1.86
C GLY D 189 -27.22 -10.69 -2.28
N ASN D 190 -27.36 -11.84 -1.62
CA ASN D 190 -28.39 -12.83 -1.93
C ASN D 190 -28.23 -13.39 -3.34
N TYR D 191 -27.09 -14.04 -3.57
CA TYR D 191 -26.80 -14.68 -4.86
C TYR D 191 -26.34 -16.11 -4.65
N ILE D 192 -26.72 -16.97 -5.59
CA ILE D 192 -26.20 -18.32 -5.70
C ILE D 192 -25.59 -18.45 -7.09
N LEU D 193 -24.26 -18.50 -7.16
CA LEU D 193 -23.53 -18.39 -8.42
C LEU D 193 -22.65 -19.61 -8.64
N TYR D 194 -22.36 -19.88 -9.91
CA TYR D 194 -21.51 -21.02 -10.26
C TYR D 194 -20.59 -20.64 -11.42
N PRO D 195 -19.59 -21.46 -11.75
CA PRO D 195 -18.66 -21.12 -12.84
C PRO D 195 -19.39 -20.85 -14.16
N TRP D 196 -18.72 -20.14 -15.06
CA TRP D 196 -17.35 -19.67 -14.86
C TRP D 196 -17.30 -18.26 -14.28
N GLY D 197 -16.48 -18.08 -13.24
CA GLY D 197 -16.22 -16.75 -12.73
C GLY D 197 -15.45 -15.88 -13.70
N TRP D 198 -14.55 -16.49 -14.47
CA TRP D 198 -13.62 -15.75 -15.32
C TRP D 198 -14.13 -15.46 -16.72
N THR D 199 -15.23 -16.07 -17.15
CA THR D 199 -15.67 -15.85 -18.53
C THR D 199 -17.18 -15.98 -18.65
N SER D 200 -17.69 -15.39 -19.74
CA SER D 200 -19.12 -15.43 -20.04
C SER D 200 -19.57 -16.73 -20.69
N LYS D 201 -18.65 -17.51 -21.24
CA LYS D 201 -19.03 -18.79 -21.85
C LYS D 201 -19.51 -19.75 -20.77
N LEU D 202 -20.71 -20.29 -20.96
CA LEU D 202 -21.28 -21.15 -19.93
C LEU D 202 -20.50 -22.45 -19.82
N PRO D 203 -20.33 -23.00 -18.61
CA PRO D 203 -19.71 -24.32 -18.49
C PRO D 203 -20.52 -25.39 -19.19
N GLU D 204 -19.81 -26.44 -19.61
CA GLU D 204 -20.36 -27.41 -20.55
C GLU D 204 -21.40 -28.31 -19.89
N THR D 205 -21.32 -28.48 -18.56
CA THR D 205 -22.29 -29.18 -17.74
C THR D 205 -23.05 -28.21 -16.82
N TRP D 206 -23.26 -26.97 -17.24
CA TRP D 206 -23.81 -25.95 -16.35
C TRP D 206 -25.20 -26.29 -15.82
N GLU D 207 -25.99 -27.06 -16.58
CA GLU D 207 -27.34 -27.36 -16.13
C GLU D 207 -27.34 -28.21 -14.86
N ALA D 208 -26.35 -29.10 -14.71
CA ALA D 208 -26.27 -29.91 -13.51
C ALA D 208 -26.05 -29.05 -12.27
N ILE D 209 -25.17 -28.05 -12.37
CA ILE D 209 -24.95 -27.15 -11.23
C ILE D 209 -26.16 -26.26 -11.01
N ASP D 210 -26.75 -25.76 -12.11
CA ASP D 210 -27.92 -24.90 -11.98
C ASP D 210 -29.05 -25.62 -11.26
N GLU D 211 -29.19 -26.93 -11.50
CA GLU D 211 -30.23 -27.69 -10.81
C GLU D 211 -30.06 -27.60 -9.30
N VAL D 212 -28.82 -27.76 -8.81
CA VAL D 212 -28.58 -27.65 -7.38
C VAL D 212 -28.82 -26.22 -6.91
N ALA D 213 -28.29 -25.24 -7.66
CA ALA D 213 -28.38 -23.85 -7.23
C ALA D 213 -29.83 -23.37 -7.16
N GLN D 214 -30.65 -23.73 -8.15
CA GLN D 214 -32.05 -23.34 -8.10
C GLN D 214 -32.77 -23.98 -6.93
N ALA D 215 -32.37 -25.20 -6.56
CA ALA D 215 -33.01 -25.86 -5.42
C ALA D 215 -32.79 -25.07 -4.13
N GLY D 216 -31.58 -24.51 -3.95
CA GLY D 216 -31.34 -23.71 -2.77
C GLY D 216 -32.14 -22.42 -2.74
N ALA D 217 -32.17 -21.71 -3.87
CA ALA D 217 -32.95 -20.47 -3.94
C ALA D 217 -34.43 -20.76 -3.79
N GLU D 218 -34.92 -21.81 -4.47
CA GLU D 218 -36.33 -22.16 -4.36
C GLU D 218 -36.70 -22.48 -2.92
N ALA D 219 -35.85 -23.24 -2.23
CA ALA D 219 -36.13 -23.60 -0.85
C ALA D 219 -36.18 -22.38 0.06
N ILE D 220 -35.26 -21.43 -0.14
CA ILE D 220 -35.28 -20.22 0.67
C ILE D 220 -36.53 -19.39 0.36
N LYS D 221 -36.87 -19.27 -0.92
CA LYS D 221 -38.05 -18.50 -1.30
C LYS D 221 -39.32 -19.11 -0.72
N GLN D 222 -39.41 -20.45 -0.70
CA GLN D 222 -40.57 -21.09 -0.12
C GLN D 222 -40.57 -21.02 1.40
N SER D 223 -39.40 -20.86 2.03
CA SER D 223 -39.35 -20.85 3.48
C SER D 223 -39.67 -19.47 4.05
N THR D 224 -39.03 -18.41 3.53
CA THR D 224 -39.18 -17.08 4.07
C THR D 224 -39.62 -16.04 3.04
N GLY D 225 -39.67 -16.40 1.77
CA GLY D 225 -40.02 -15.45 0.73
C GLY D 225 -38.86 -14.61 0.23
N SER D 226 -37.67 -14.75 0.82
CA SER D 226 -36.53 -14.00 0.35
C SER D 226 -36.14 -14.50 -1.04
N ARG D 227 -35.83 -13.57 -1.92
CA ARG D 227 -35.42 -13.92 -3.27
C ARG D 227 -33.91 -14.01 -3.36
N TYR D 228 -33.43 -15.01 -4.10
CA TYR D 228 -32.03 -15.13 -4.44
C TYR D 228 -31.92 -15.12 -5.96
N THR D 229 -30.90 -14.45 -6.47
CA THR D 229 -30.62 -14.48 -7.89
C THR D 229 -29.66 -15.62 -8.18
N VAL D 230 -30.05 -16.49 -9.11
CA VAL D 230 -29.27 -17.68 -9.47
C VAL D 230 -28.77 -17.51 -10.89
N GLY D 231 -27.51 -17.85 -11.11
CA GLY D 231 -27.00 -17.93 -12.46
C GLY D 231 -25.50 -18.15 -12.45
N SER D 232 -24.96 -18.23 -13.66
CA SER D 232 -23.52 -18.22 -13.82
C SER D 232 -22.96 -16.91 -13.29
N SER D 233 -21.74 -16.97 -12.74
CA SER D 233 -21.21 -15.84 -11.98
C SER D 233 -21.27 -14.53 -12.76
N THR D 234 -20.87 -14.55 -14.03
CA THR D 234 -20.82 -13.32 -14.81
C THR D 234 -22.20 -12.73 -15.09
N ASN D 235 -23.28 -13.49 -14.89
CA ASN D 235 -24.61 -12.89 -14.92
C ASN D 235 -24.74 -11.75 -13.93
N VAL D 236 -24.08 -11.86 -12.78
CA VAL D 236 -24.27 -10.93 -11.67
C VAL D 236 -23.01 -10.13 -11.38
N LEU D 237 -21.85 -10.78 -11.41
CA LEU D 237 -20.59 -10.16 -11.06
C LEU D 237 -19.72 -10.00 -12.30
N TYR D 238 -18.87 -8.97 -12.28
CA TYR D 238 -17.91 -8.81 -13.35
C TYR D 238 -16.92 -9.98 -13.34
N ALA D 239 -16.48 -10.36 -14.52
CA ALA D 239 -15.61 -11.52 -14.65
C ALA D 239 -14.38 -11.35 -13.78
N ALA D 240 -14.02 -12.42 -13.06
CA ALA D 240 -12.85 -12.40 -12.19
C ALA D 240 -12.22 -13.77 -12.23
N ALA D 241 -10.91 -13.81 -12.41
CA ALA D 241 -10.16 -15.05 -12.45
C ALA D 241 -9.58 -15.36 -11.08
N GLY D 242 -9.39 -16.65 -10.83
CA GLY D 242 -8.73 -17.09 -9.62
C GLY D 242 -9.64 -17.43 -8.46
N GLY D 243 -10.95 -17.46 -8.68
CA GLY D 243 -11.88 -17.82 -7.61
C GLY D 243 -11.83 -19.29 -7.27
N SER D 244 -12.22 -19.59 -6.02
CA SER D 244 -12.12 -20.96 -5.55
C SER D 244 -13.13 -21.89 -6.22
N ASP D 245 -14.30 -21.37 -6.60
CA ASP D 245 -15.30 -22.25 -7.22
C ASP D 245 -14.86 -22.69 -8.61
N ASP D 246 -14.26 -21.77 -9.39
CA ASP D 246 -13.69 -22.15 -10.68
C ASP D 246 -12.65 -23.25 -10.49
N TRP D 247 -11.75 -23.06 -9.52
CA TRP D 247 -10.66 -24.02 -9.32
C TRP D 247 -11.18 -25.38 -8.90
N ALA D 248 -12.13 -25.42 -7.98
CA ALA D 248 -12.67 -26.70 -7.52
C ALA D 248 -13.36 -27.42 -8.66
N PHE D 249 -14.11 -26.67 -9.47
CA PHE D 249 -14.86 -27.24 -10.58
C PHE D 249 -13.92 -27.86 -11.61
N ALA D 250 -12.89 -27.12 -12.02
CA ALA D 250 -12.07 -27.54 -13.14
C ALA D 250 -10.83 -28.34 -12.74
N VAL D 251 -10.17 -27.97 -11.64
CA VAL D 251 -8.91 -28.64 -11.28
C VAL D 251 -9.16 -29.81 -10.33
N ALA D 252 -9.97 -29.60 -9.29
CA ALA D 252 -10.36 -30.70 -8.43
C ALA D 252 -11.47 -31.56 -9.04
N GLU D 253 -12.04 -31.12 -10.17
CA GLU D 253 -13.06 -31.90 -10.90
C GLU D 253 -14.27 -32.19 -10.02
N VAL D 254 -14.72 -31.18 -9.28
CA VAL D 254 -15.91 -31.29 -8.44
C VAL D 254 -17.12 -30.92 -9.30
N PRO D 255 -18.06 -31.85 -9.52
CA PRO D 255 -19.13 -31.58 -10.49
C PRO D 255 -20.04 -30.42 -10.14
N ILE D 256 -20.32 -30.21 -8.86
CA ILE D 256 -21.19 -29.12 -8.41
C ILE D 256 -20.35 -28.14 -7.62
N SER D 257 -20.23 -26.91 -8.12
CA SER D 257 -19.39 -25.89 -7.50
C SER D 257 -20.17 -24.58 -7.46
N ILE D 258 -20.39 -24.05 -6.27
CA ILE D 258 -21.30 -22.91 -6.07
C ILE D 258 -20.65 -21.93 -5.10
N THR D 259 -20.81 -20.64 -5.38
CA THR D 259 -20.50 -19.57 -4.43
C THR D 259 -21.80 -18.90 -4.00
N MET D 260 -22.01 -18.81 -2.69
CA MET D 260 -23.22 -18.23 -2.12
C MET D 260 -22.87 -16.89 -1.47
N GLU D 261 -23.53 -15.83 -1.91
CA GLU D 261 -23.40 -14.50 -1.30
C GLU D 261 -24.58 -14.33 -0.34
N LEU D 262 -24.28 -14.32 0.96
CA LEU D 262 -25.28 -14.39 2.02
C LEU D 262 -25.93 -13.02 2.24
N PRO D 263 -27.06 -12.98 2.95
CA PRO D 263 -27.78 -11.71 3.12
C PRO D 263 -26.96 -10.65 3.87
N GLY D 264 -27.20 -9.39 3.49
CA GLY D 264 -26.54 -8.29 4.14
C GLY D 264 -27.28 -7.77 5.36
N GLY D 265 -26.57 -6.94 6.12
CA GLY D 265 -27.13 -6.33 7.31
C GLY D 265 -26.19 -5.25 7.81
N GLY D 266 -26.72 -4.41 8.68
CA GLY D 266 -25.97 -3.27 9.18
C GLY D 266 -25.81 -2.21 8.12
N ASN D 267 -25.14 -1.12 8.51
CA ASN D 267 -24.93 -0.01 7.57
C ASN D 267 -23.99 -0.37 6.43
N GLY D 268 -23.17 -1.41 6.59
CA GLY D 268 -22.19 -1.76 5.57
C GLY D 268 -22.52 -3.01 4.78
N GLY D 269 -23.62 -3.66 5.12
CA GLY D 269 -23.95 -4.95 4.48
C GLY D 269 -23.15 -6.10 5.06
N PHE D 270 -21.84 -5.91 5.20
CA PHE D 270 -20.96 -6.92 5.78
C PHE D 270 -21.20 -7.14 7.27
N ASN D 271 -21.86 -6.21 7.95
CA ASN D 271 -21.87 -6.18 9.41
C ASN D 271 -23.30 -6.18 9.97
N PRO D 272 -24.03 -7.27 9.82
CA PRO D 272 -25.28 -7.41 10.58
C PRO D 272 -24.98 -7.39 12.06
N PRO D 273 -25.84 -6.74 12.85
CA PRO D 273 -25.67 -6.76 14.31
C PRO D 273 -25.77 -8.19 14.82
N PRO D 274 -25.18 -8.49 15.99
CA PRO D 274 -25.25 -9.86 16.51
C PRO D 274 -26.67 -10.37 16.66
N SER D 275 -27.61 -9.48 16.97
CA SER D 275 -29.01 -9.88 17.12
C SER D 275 -29.60 -10.43 15.82
N SER D 276 -29.04 -10.07 14.66
CA SER D 276 -29.55 -10.52 13.38
C SER D 276 -28.95 -11.84 12.92
N ILE D 277 -27.97 -12.39 13.64
CA ILE D 277 -27.30 -13.60 13.17
C ILE D 277 -28.28 -14.76 13.05
N GLU D 278 -29.13 -14.94 14.06
CA GLU D 278 -29.98 -16.13 14.11
C GLU D 278 -30.88 -16.23 12.89
N LYS D 279 -31.55 -15.14 12.54
CA LYS D 279 -32.47 -15.20 11.40
C LYS D 279 -31.73 -15.41 10.09
N ILE D 280 -30.54 -14.82 9.96
CA ILE D 280 -29.79 -14.95 8.71
C ILE D 280 -29.26 -16.37 8.54
N VAL D 281 -28.65 -16.92 9.59
CA VAL D 281 -28.04 -18.24 9.44
C VAL D 281 -29.12 -19.32 9.33
N ASN D 282 -30.25 -19.14 10.03
CA ASN D 282 -31.35 -20.09 9.91
C ASN D 282 -31.87 -20.13 8.49
N GLU D 283 -32.13 -18.95 7.90
CA GLU D 283 -32.59 -18.89 6.52
C GLU D 283 -31.55 -19.46 5.56
N SER D 284 -30.28 -19.11 5.75
CA SER D 284 -29.24 -19.59 4.85
C SER D 284 -29.11 -21.10 4.91
N TRP D 285 -29.18 -21.67 6.11
CA TRP D 285 -29.09 -23.12 6.28
C TRP D 285 -30.22 -23.84 5.56
N VAL D 286 -31.41 -23.22 5.48
CA VAL D 286 -32.51 -23.81 4.71
C VAL D 286 -32.09 -24.02 3.27
N GLY D 287 -31.49 -22.99 2.65
CA GLY D 287 -31.00 -23.14 1.30
C GLY D 287 -29.85 -24.11 1.20
N ILE D 288 -28.90 -24.03 2.14
CA ILE D 288 -27.72 -24.89 2.09
C ILE D 288 -28.13 -26.36 2.24
N LYS D 289 -29.02 -26.64 3.20
CA LYS D 289 -29.47 -28.02 3.39
C LYS D 289 -30.17 -28.56 2.16
N ALA D 290 -30.99 -27.73 1.51
CA ALA D 290 -31.72 -28.18 0.32
C ALA D 290 -30.76 -28.47 -0.83
N MET D 291 -29.69 -27.68 -0.98
CA MET D 291 -28.73 -27.99 -2.03
C MET D 291 -27.98 -29.28 -1.73
N ALA D 292 -27.59 -29.48 -0.47
CA ALA D 292 -26.92 -30.73 -0.10
C ALA D 292 -27.83 -31.92 -0.32
N LEU D 293 -29.11 -31.79 0.05
CA LEU D 293 -30.07 -32.87 -0.17
C LEU D 293 -30.21 -33.18 -1.65
N LYS D 294 -30.27 -32.14 -2.49
CA LYS D 294 -30.29 -32.36 -3.94
C LYS D 294 -29.06 -33.14 -4.38
N VAL D 295 -27.89 -32.75 -3.88
CA VAL D 295 -26.65 -33.47 -4.21
C VAL D 295 -26.70 -34.90 -3.70
N ALA D 296 -27.21 -35.10 -2.49
CA ALA D 296 -27.32 -36.44 -1.94
C ALA D 296 -28.18 -37.35 -2.82
N GLN D 297 -29.20 -36.78 -3.48
CA GLN D 297 -30.04 -37.58 -4.35
C GLN D 297 -29.38 -37.86 -5.71
N MET D 298 -28.49 -36.97 -6.17
CA MET D 298 -27.84 -37.20 -7.46
C MET D 298 -26.59 -38.06 -7.36
N PHE D 299 -25.96 -38.13 -6.20
CA PHE D 299 -24.71 -38.87 -6.06
C PHE D 299 -24.81 -39.94 -4.99
#